data_4Q1I
#
_entry.id   4Q1I
#
_cell.length_a   81.910
_cell.length_b   85.880
_cell.length_c   126.800
_cell.angle_alpha   90.00
_cell.angle_beta   90.00
_cell.angle_gamma   90.00
#
_symmetry.space_group_name_H-M   'P 21 21 21'
#
loop_
_entity.id
_entity.type
_entity.pdbx_description
1 polymer 'Polyketide biosynthesis enoyl-CoA isomerase PksI'
2 non-polymer GLYCEROL
3 water water
#
_entity_poly.entity_id   1
_entity_poly.type   'polypeptide(L)'
_entity_poly.pdbx_seq_one_letter_code
;MAHHHHHHSSGLEVLFQGPMTHSVVELIEIESAIIQVKMQDRTHKNAFSQELTDDLIQAFEYIRQNPKYKAVILTGYDNY
FASGGTQEGLLRIQQGLTAFTDDNLYSLALDCEIPVIAAMQGHGIGGGFVMGLFADIVILSRESVYTANFMKYGFTPGMG
ATFIVPKKLGFSLAQEILLNAGSYRGADLEKRGVPFKVLPRAEVLDYAVELAQELAEKPRNSLVTLKDHLVAPLRDQLPR
VIEQELMMHEKTFHHEEVKSRIKGLYGN
;
_entity_poly.pdbx_strand_id   A,B,C
#
loop_
_chem_comp.id
_chem_comp.type
_chem_comp.name
_chem_comp.formula
GOL non-polymer GLYCEROL 'C3 H8 O3'
#
# COMPACT_ATOMS: atom_id res chain seq x y z
N LEU A 15 29.58 -4.03 -29.22
CA LEU A 15 28.23 -3.74 -28.70
C LEU A 15 27.31 -3.67 -29.93
N PHE A 16 26.74 -4.84 -30.27
CA PHE A 16 25.93 -5.06 -31.47
C PHE A 16 24.52 -4.40 -31.48
N GLN A 17 23.83 -4.62 -32.59
CA GLN A 17 22.46 -4.21 -32.84
C GLN A 17 21.97 -5.15 -33.95
N GLY A 18 21.03 -6.03 -33.62
CA GLY A 18 20.38 -6.90 -34.61
C GLY A 18 18.86 -6.87 -34.51
N PRO A 19 18.15 -7.18 -35.61
CA PRO A 19 16.73 -7.45 -35.47
C PRO A 19 16.42 -8.96 -35.28
N MET A 20 15.21 -9.28 -34.88
CA MET A 20 14.81 -10.68 -34.75
C MET A 20 14.19 -11.19 -36.07
N THR A 21 13.85 -12.47 -36.14
CA THR A 21 13.46 -13.06 -37.44
C THR A 21 12.53 -12.20 -38.35
N HIS A 22 11.43 -11.64 -37.81
CA HIS A 22 10.51 -10.80 -38.60
C HIS A 22 10.83 -9.29 -38.52
N SER A 23 11.97 -8.97 -37.89
CA SER A 23 12.48 -7.60 -37.74
C SER A 23 11.49 -6.65 -37.14
N VAL A 24 10.62 -7.11 -36.27
CA VAL A 24 9.84 -6.13 -35.52
C VAL A 24 10.36 -5.86 -34.07
N VAL A 25 11.36 -6.62 -33.66
CA VAL A 25 12.14 -6.34 -32.44
C VAL A 25 13.58 -6.19 -32.87
N GLU A 26 14.25 -5.22 -32.25
CA GLU A 26 15.66 -4.88 -32.44
C GLU A 26 16.32 -5.04 -31.08
N LEU A 27 17.43 -5.75 -31.07
CA LEU A 27 18.26 -5.97 -29.91
C LEU A 27 19.43 -5.08 -30.03
N ILE A 28 19.70 -4.32 -28.98
CA ILE A 28 20.75 -3.34 -29.02
C ILE A 28 21.51 -3.45 -27.73
N GLU A 29 22.79 -3.74 -27.87
CA GLU A 29 23.61 -3.86 -26.69
C GLU A 29 24.02 -2.41 -26.37
N ILE A 30 23.59 -1.88 -25.25
CA ILE A 30 23.91 -0.47 -24.85
C ILE A 30 25.31 -0.42 -24.25
N GLU A 31 25.61 -1.36 -23.34
CA GLU A 31 26.88 -1.43 -22.70
C GLU A 31 27.11 -2.92 -22.67
N SER A 32 28.31 -3.36 -22.29
CA SER A 32 28.63 -4.79 -22.19
C SER A 32 27.57 -5.63 -21.41
N ALA A 33 26.93 -5.01 -20.43
CA ALA A 33 25.97 -5.76 -19.57
C ALA A 33 24.52 -5.25 -19.59
N ILE A 34 24.23 -4.41 -20.58
CA ILE A 34 22.89 -3.84 -20.75
C ILE A 34 22.39 -4.12 -22.14
N ILE A 35 21.25 -4.76 -22.18
CA ILE A 35 20.62 -5.01 -23.45
C ILE A 35 19.22 -4.36 -23.56
N GLN A 36 19.01 -3.70 -24.68
CA GLN A 36 17.74 -3.08 -24.94
C GLN A 36 16.95 -3.92 -25.98
N VAL A 37 15.70 -4.29 -25.64
CA VAL A 37 14.73 -4.92 -26.51
C VAL A 37 13.72 -3.80 -26.98
N LYS A 38 13.80 -3.44 -28.26
CA LYS A 38 13.00 -2.38 -28.85
C LYS A 38 11.92 -2.93 -29.72
N MET A 39 10.67 -2.71 -29.30
CA MET A 39 9.51 -3.18 -30.09
C MET A 39 9.23 -2.20 -31.18
N GLN A 40 9.24 -2.64 -32.44
CA GLN A 40 9.10 -1.66 -33.49
C GLN A 40 8.23 -2.22 -34.61
N ASP A 41 7.06 -2.78 -34.28
CA ASP A 41 6.06 -3.07 -35.33
C ASP A 41 5.28 -1.78 -35.64
N ARG A 42 5.87 -0.97 -36.52
CA ARG A 42 5.28 0.27 -37.00
C ARG A 42 3.94 0.11 -37.71
N THR A 43 3.76 -0.99 -38.42
CA THR A 43 2.48 -1.28 -39.04
C THR A 43 1.37 -1.42 -37.99
N HIS A 44 1.66 -2.12 -36.90
CA HIS A 44 0.56 -2.37 -35.96
C HIS A 44 0.65 -1.57 -34.68
N LYS A 45 1.52 -0.57 -34.70
CA LYS A 45 1.76 0.28 -33.53
C LYS A 45 2.00 -0.58 -32.32
N ASN A 46 2.82 -1.62 -32.56
CA ASN A 46 3.20 -2.59 -31.54
C ASN A 46 2.01 -3.32 -30.92
N ALA A 47 1.00 -3.61 -31.73
CA ALA A 47 -0.06 -4.52 -31.27
C ALA A 47 0.58 -5.90 -31.24
N PHE A 48 0.00 -6.83 -30.49
CA PHE A 48 0.54 -8.18 -30.33
C PHE A 48 0.32 -9.00 -31.64
N SER A 49 0.86 -8.56 -32.76
CA SER A 49 0.85 -9.37 -33.99
C SER A 49 1.67 -10.62 -33.78
N GLN A 50 1.54 -11.56 -34.70
CA GLN A 50 2.24 -12.81 -34.57
C GLN A 50 3.74 -12.54 -34.69
N GLU A 51 4.10 -11.60 -35.57
CA GLU A 51 5.50 -11.20 -35.75
C GLU A 51 6.12 -10.58 -34.44
N LEU A 52 5.39 -9.65 -33.82
CA LEU A 52 5.92 -9.02 -32.61
C LEU A 52 6.00 -10.11 -31.55
N THR A 53 5.03 -11.00 -31.58
CA THR A 53 4.97 -12.08 -30.62
C THR A 53 6.15 -13.00 -30.76
N ASP A 54 6.36 -13.52 -31.97
CA ASP A 54 7.53 -14.36 -32.24
C ASP A 54 8.83 -13.63 -31.94
N ASP A 55 9.00 -12.42 -32.46
CA ASP A 55 10.29 -11.71 -32.29
C ASP A 55 10.65 -11.37 -30.82
N LEU A 56 9.64 -11.08 -30.03
CA LEU A 56 9.84 -10.81 -28.59
C LEU A 56 10.27 -12.10 -27.87
N ILE A 57 9.59 -13.20 -28.13
CA ILE A 57 10.05 -14.48 -27.55
C ILE A 57 11.52 -14.78 -27.92
N GLN A 58 11.87 -14.49 -29.17
CA GLN A 58 13.21 -14.75 -29.66
C GLN A 58 14.23 -13.87 -28.93
N ALA A 59 13.83 -12.62 -28.66
CA ALA A 59 14.68 -11.65 -28.02
C ALA A 59 15.04 -12.12 -26.60
N PHE A 60 14.01 -12.49 -25.83
CA PHE A 60 14.21 -13.04 -24.50
C PHE A 60 14.83 -14.43 -24.58
N GLU A 61 14.61 -15.19 -25.64
CA GLU A 61 15.34 -16.48 -25.74
C GLU A 61 16.84 -16.18 -25.93
N TYR A 62 17.14 -15.23 -26.82
CA TYR A 62 18.50 -14.79 -26.97
C TYR A 62 19.16 -14.35 -25.63
N ILE A 63 18.44 -13.56 -24.82
CA ILE A 63 18.94 -13.12 -23.55
C ILE A 63 19.19 -14.28 -22.63
N ARG A 64 18.23 -15.16 -22.48
CA ARG A 64 18.51 -16.42 -21.70
C ARG A 64 19.80 -17.14 -22.18
N GLN A 65 20.07 -17.10 -23.49
CA GLN A 65 21.15 -17.93 -24.06
C GLN A 65 22.50 -17.30 -23.87
N ASN A 66 22.53 -16.06 -23.40
CA ASN A 66 23.77 -15.34 -23.33
C ASN A 66 23.82 -14.68 -21.99
N PRO A 67 24.07 -15.47 -20.92
CA PRO A 67 23.97 -14.92 -19.57
C PRO A 67 25.11 -13.92 -19.18
N LYS A 68 25.48 -13.00 -20.06
CA LYS A 68 26.39 -11.92 -19.59
C LYS A 68 25.65 -10.63 -19.15
N TYR A 69 24.33 -10.52 -19.45
CA TYR A 69 23.66 -9.22 -19.24
C TYR A 69 23.27 -9.06 -17.78
N LYS A 70 23.14 -7.81 -17.32
CA LYS A 70 22.75 -7.59 -15.92
C LYS A 70 21.42 -6.84 -15.91
N ALA A 71 21.04 -6.19 -17.02
CA ALA A 71 19.75 -5.46 -17.11
C ALA A 71 19.18 -5.48 -18.56
N VAL A 72 17.88 -5.69 -18.67
CA VAL A 72 17.15 -5.61 -19.90
C VAL A 72 16.34 -4.32 -19.86
N ILE A 73 16.33 -3.57 -20.97
CA ILE A 73 15.44 -2.40 -21.00
C ILE A 73 14.45 -2.71 -22.11
N LEU A 74 13.18 -2.95 -21.76
CA LEU A 74 12.19 -3.21 -22.80
C LEU A 74 11.56 -1.87 -23.22
N THR A 75 11.48 -1.58 -24.52
CA THR A 75 10.85 -0.30 -24.88
C THR A 75 10.05 -0.45 -26.19
N GLY A 76 9.36 0.62 -26.60
CA GLY A 76 8.74 0.60 -27.95
C GLY A 76 9.39 1.62 -28.88
N TYR A 77 8.61 2.23 -29.76
CA TYR A 77 9.17 3.28 -30.61
C TYR A 77 8.27 4.50 -30.60
N ASP A 78 8.84 5.67 -30.91
CA ASP A 78 8.12 6.92 -30.86
C ASP A 78 7.09 6.95 -29.71
N ASN A 79 5.81 7.08 -30.04
CA ASN A 79 4.78 7.28 -29.04
C ASN A 79 4.07 5.99 -28.65
N TYR A 80 4.63 4.84 -29.02
CA TYR A 80 4.00 3.54 -28.73
C TYR A 80 4.87 2.63 -27.91
N PHE A 81 4.45 2.34 -26.68
CA PHE A 81 5.10 1.22 -25.97
C PHE A 81 4.54 -0.14 -26.52
N ALA A 82 3.30 -0.49 -26.14
CA ALA A 82 2.69 -1.70 -26.73
C ALA A 82 1.18 -1.54 -26.79
N SER A 83 0.53 -2.11 -27.81
CA SER A 83 -0.91 -1.82 -27.99
C SER A 83 -1.87 -2.93 -27.67
N GLY A 84 -1.37 -4.05 -27.13
CA GLY A 84 -2.25 -5.18 -26.75
C GLY A 84 -2.81 -5.98 -27.95
N GLY A 85 -3.75 -6.89 -27.68
CA GLY A 85 -4.24 -7.79 -28.72
C GLY A 85 -4.90 -7.06 -29.87
N THR A 86 -4.72 -7.59 -31.08
CA THR A 86 -5.29 -6.99 -32.32
C THR A 86 -6.78 -7.26 -32.50
N GLN A 87 -7.42 -6.51 -33.38
CA GLN A 87 -8.71 -6.88 -33.95
C GLN A 87 -8.89 -8.39 -34.31
N GLU A 88 -7.92 -8.96 -35.03
CA GLU A 88 -7.95 -10.39 -35.43
C GLU A 88 -7.86 -11.37 -34.25
N GLY A 89 -6.82 -11.24 -33.44
CA GLY A 89 -6.62 -12.06 -32.24
C GLY A 89 -7.82 -12.02 -31.32
N ASN A 104 2.58 -16.69 -24.78
CA ASN A 104 2.47 -15.85 -23.58
C ASN A 104 3.54 -14.83 -23.29
N LEU A 105 3.21 -13.60 -23.66
CA LEU A 105 4.10 -12.47 -23.53
C LEU A 105 4.31 -12.05 -22.09
N TYR A 106 3.26 -12.00 -21.30
CA TYR A 106 3.40 -11.53 -19.88
C TYR A 106 4.57 -12.09 -19.09
N SER A 107 4.75 -13.40 -19.15
CA SER A 107 5.74 -14.00 -18.29
C SER A 107 7.22 -13.84 -18.77
N LEU A 108 7.41 -13.24 -19.95
CA LEU A 108 8.78 -13.13 -20.51
C LEU A 108 9.68 -12.39 -19.51
N ALA A 109 9.18 -11.26 -18.98
CA ALA A 109 10.02 -10.47 -18.11
C ALA A 109 10.13 -11.13 -16.75
N LEU A 110 9.06 -11.82 -16.34
CA LEU A 110 9.01 -12.39 -15.02
C LEU A 110 9.96 -13.60 -14.97
N ASP A 111 10.00 -14.35 -16.05
CA ASP A 111 10.91 -15.49 -16.11
C ASP A 111 12.34 -15.22 -16.55
N CYS A 112 12.61 -14.07 -17.18
CA CYS A 112 13.99 -13.62 -17.44
C CYS A 112 14.77 -13.63 -16.12
N GLU A 113 15.98 -14.17 -16.14
CA GLU A 113 16.69 -14.26 -14.88
C GLU A 113 17.23 -12.96 -14.26
N ILE A 114 17.33 -11.88 -15.05
CA ILE A 114 17.91 -10.61 -14.59
C ILE A 114 16.80 -9.57 -14.62
N PRO A 115 17.00 -8.42 -13.90
CA PRO A 115 16.03 -7.30 -13.82
C PRO A 115 15.69 -6.79 -15.17
N VAL A 116 14.40 -6.61 -15.39
CA VAL A 116 13.91 -6.06 -16.63
C VAL A 116 13.26 -4.71 -16.29
N ILE A 117 13.58 -3.70 -17.11
CA ILE A 117 13.02 -2.38 -16.89
C ILE A 117 12.04 -2.16 -18.06
N ALA A 118 10.77 -1.88 -17.75
CA ALA A 118 9.81 -1.52 -18.76
C ALA A 118 9.86 0.01 -18.92
N ALA A 119 10.54 0.52 -19.94
CA ALA A 119 10.57 1.96 -20.17
C ALA A 119 9.42 2.28 -21.14
N MET A 120 8.28 2.69 -20.58
CA MET A 120 7.07 2.83 -21.34
C MET A 120 7.01 4.24 -21.83
N GLN A 121 7.81 4.52 -22.86
CA GLN A 121 7.99 5.85 -23.32
C GLN A 121 6.75 6.23 -24.09
N GLY A 122 5.93 5.20 -24.44
CA GLY A 122 4.82 5.38 -25.41
C GLY A 122 3.54 4.84 -24.77
N HIS A 123 2.39 4.97 -25.43
CA HIS A 123 1.17 4.34 -24.95
C HIS A 123 1.25 2.86 -24.59
N GLY A 124 0.50 2.50 -23.56
CA GLY A 124 0.45 1.13 -23.10
C GLY A 124 -1.01 0.77 -23.06
N ILE A 125 -1.48 0.01 -24.04
CA ILE A 125 -2.97 -0.22 -24.17
C ILE A 125 -3.28 -1.69 -24.01
N GLY A 126 -4.12 -2.01 -23.03
CA GLY A 126 -4.60 -3.39 -22.87
C GLY A 126 -3.53 -4.32 -22.37
N GLY A 127 -3.35 -5.43 -23.06
CA GLY A 127 -2.27 -6.35 -22.78
C GLY A 127 -0.90 -5.72 -22.96
N GLY A 128 -0.83 -4.65 -23.73
CA GLY A 128 0.44 -3.91 -23.85
C GLY A 128 0.77 -3.15 -22.53
N PHE A 129 -0.25 -2.65 -21.85
CA PHE A 129 -0.04 -2.01 -20.51
C PHE A 129 0.36 -3.06 -19.48
N VAL A 130 -0.45 -4.12 -19.41
CA VAL A 130 -0.22 -5.20 -18.49
C VAL A 130 1.11 -5.83 -18.64
N MET A 131 1.55 -6.08 -19.87
CA MET A 131 2.88 -6.68 -20.12
C MET A 131 4.03 -5.95 -19.44
N GLY A 132 3.93 -4.60 -19.38
CA GLY A 132 4.95 -3.74 -18.78
C GLY A 132 4.98 -3.97 -17.27
N LEU A 133 3.81 -4.17 -16.65
CA LEU A 133 3.71 -4.39 -15.24
C LEU A 133 4.38 -5.67 -14.70
N PHE A 134 4.69 -6.62 -15.57
CA PHE A 134 5.50 -7.81 -15.20
C PHE A 134 7.04 -7.64 -15.16
N ALA A 135 7.57 -6.60 -15.78
CA ALA A 135 8.97 -6.18 -15.59
C ALA A 135 9.23 -5.84 -14.08
N ASP A 136 10.47 -5.91 -13.65
CA ASP A 136 10.83 -5.62 -12.27
C ASP A 136 10.67 -4.15 -11.91
N ILE A 137 10.94 -3.27 -12.90
CA ILE A 137 10.90 -1.80 -12.70
C ILE A 137 10.10 -1.23 -13.88
N VAL A 138 9.23 -0.29 -13.57
CA VAL A 138 8.34 0.26 -14.56
C VAL A 138 8.51 1.77 -14.55
N ILE A 139 8.68 2.37 -15.74
CA ILE A 139 8.74 3.79 -15.91
C ILE A 139 7.63 4.22 -16.84
N LEU A 140 6.87 5.25 -16.42
CA LEU A 140 5.82 5.84 -17.29
C LEU A 140 6.21 7.16 -17.91
N SER A 141 5.55 7.47 -18.99
CA SER A 141 5.67 8.77 -19.56
C SER A 141 4.45 9.59 -19.28
N ARG A 142 4.71 10.82 -18.95
CA ARG A 142 3.66 11.77 -18.64
C ARG A 142 2.61 11.90 -19.72
N GLU A 143 3.04 11.96 -20.99
CA GLU A 143 2.13 12.33 -22.04
C GLU A 143 1.40 11.14 -22.60
N SER A 144 1.82 9.91 -22.22
CA SER A 144 1.29 8.71 -22.89
C SER A 144 0.01 8.31 -22.21
N VAL A 145 -0.80 7.50 -22.91
CA VAL A 145 -2.04 6.95 -22.37
C VAL A 145 -1.83 5.48 -21.93
N TYR A 146 -2.37 5.12 -20.75
CA TYR A 146 -2.28 3.75 -20.29
C TYR A 146 -3.70 3.32 -20.01
N THR A 147 -4.02 2.08 -20.35
CA THR A 147 -5.35 1.57 -20.08
C THR A 147 -5.36 0.06 -20.04
N ALA A 148 -6.05 -0.48 -19.04
CA ALA A 148 -6.40 -1.91 -19.01
C ALA A 148 -7.85 -1.99 -19.61
N ASN A 149 -7.95 -1.94 -20.92
CA ASN A 149 -9.19 -1.53 -21.56
C ASN A 149 -10.08 -2.73 -21.88
N PHE A 150 -9.74 -3.88 -21.34
CA PHE A 150 -10.43 -5.12 -21.73
C PHE A 150 -11.93 -4.99 -21.62
N MET A 151 -12.36 -4.49 -20.46
CA MET A 151 -13.78 -4.39 -20.12
C MET A 151 -14.50 -3.39 -21.00
N LYS A 152 -13.76 -2.44 -21.61
CA LYS A 152 -14.43 -1.56 -22.54
C LYS A 152 -15.06 -2.39 -23.69
N TYR A 153 -14.49 -3.55 -24.00
CA TYR A 153 -14.98 -4.44 -25.07
C TYR A 153 -15.95 -5.48 -24.59
N GLY A 154 -16.31 -5.43 -23.30
CA GLY A 154 -17.25 -6.35 -22.72
C GLY A 154 -16.66 -7.57 -22.01
N PHE A 155 -15.35 -7.77 -22.11
CA PHE A 155 -14.78 -8.92 -21.45
C PHE A 155 -13.82 -8.64 -20.31
N THR A 156 -13.64 -9.66 -19.49
CA THR A 156 -12.87 -9.59 -18.30
C THR A 156 -11.38 -9.63 -18.61
N PRO A 157 -10.57 -9.06 -17.76
CA PRO A 157 -9.14 -9.03 -18.00
C PRO A 157 -8.60 -10.42 -17.93
N GLY A 158 -7.56 -10.71 -18.65
CA GLY A 158 -6.99 -11.99 -18.45
C GLY A 158 -6.88 -12.24 -16.96
N MET A 159 -6.78 -13.48 -16.56
CA MET A 159 -6.40 -13.76 -15.22
C MET A 159 -4.96 -13.27 -14.91
N GLY A 160 -4.16 -12.94 -15.93
CA GLY A 160 -2.79 -12.53 -15.71
C GLY A 160 -2.79 -11.11 -15.21
N ALA A 161 -3.54 -10.29 -15.89
CA ALA A 161 -3.85 -8.93 -15.55
C ALA A 161 -4.46 -8.76 -14.15
N THR A 162 -5.41 -9.64 -13.80
CA THR A 162 -6.20 -9.52 -12.59
C THR A 162 -5.30 -9.81 -11.42
N PHE A 163 -4.27 -10.61 -11.67
CA PHE A 163 -3.27 -10.95 -10.70
C PHE A 163 -2.17 -9.86 -10.60
N ILE A 164 -1.64 -9.40 -11.72
CA ILE A 164 -0.51 -8.47 -11.63
C ILE A 164 -0.83 -6.97 -11.31
N VAL A 165 -1.99 -6.47 -11.72
CA VAL A 165 -2.25 -5.04 -11.52
C VAL A 165 -2.39 -4.71 -10.04
N PRO A 166 -3.11 -5.54 -9.30
CA PRO A 166 -3.23 -5.32 -7.89
C PRO A 166 -1.83 -5.44 -7.24
N LYS A 167 -1.03 -6.42 -7.66
CA LYS A 167 0.27 -6.55 -7.05
C LYS A 167 1.22 -5.36 -7.30
N LYS A 168 1.20 -4.79 -8.50
CA LYS A 168 2.09 -3.69 -8.85
C LYS A 168 1.55 -2.29 -8.50
N LEU A 169 0.24 -2.12 -8.45
CA LEU A 169 -0.34 -0.80 -8.31
C LEU A 169 -1.08 -0.67 -7.02
N GLY A 170 -1.13 -1.77 -6.25
CA GLY A 170 -2.02 -1.84 -5.11
C GLY A 170 -3.42 -2.26 -5.47
N PHE A 171 -4.08 -2.87 -4.49
CA PHE A 171 -5.46 -3.35 -4.64
C PHE A 171 -6.51 -2.26 -5.04
N SER A 172 -6.54 -1.13 -4.34
CA SER A 172 -7.62 -0.18 -4.64
C SER A 172 -7.52 0.48 -5.99
N LEU A 173 -6.37 0.97 -6.36
CA LEU A 173 -6.25 1.46 -7.73
C LEU A 173 -6.45 0.36 -8.79
N ALA A 174 -5.99 -0.86 -8.52
CA ALA A 174 -6.32 -2.00 -9.44
C ALA A 174 -7.85 -2.22 -9.64
N GLN A 175 -8.64 -2.14 -8.60
CA GLN A 175 -10.07 -2.27 -8.74
C GLN A 175 -10.58 -1.33 -9.74
N GLU A 176 -10.23 -0.08 -9.57
CA GLU A 176 -10.76 0.96 -10.43
C GLU A 176 -10.28 0.78 -11.91
N ILE A 177 -8.96 0.57 -12.10
CA ILE A 177 -8.34 0.39 -13.36
C ILE A 177 -8.97 -0.82 -14.15
N LEU A 178 -9.13 -1.95 -13.49
CA LEU A 178 -9.70 -3.13 -14.07
C LEU A 178 -11.23 -3.07 -14.27
N LEU A 179 -12.00 -2.58 -13.26
CA LEU A 179 -13.46 -2.58 -13.43
C LEU A 179 -13.94 -1.60 -14.48
N ASN A 180 -13.39 -0.38 -14.46
CA ASN A 180 -13.89 0.62 -15.39
C ASN A 180 -13.20 0.67 -16.76
N ALA A 181 -11.97 0.16 -16.83
CA ALA A 181 -11.19 0.13 -18.08
C ALA A 181 -10.95 1.50 -18.67
N GLY A 182 -10.89 2.51 -17.83
CA GLY A 182 -10.62 3.82 -18.37
C GLY A 182 -9.19 4.11 -18.81
N SER A 183 -9.04 5.28 -19.39
CA SER A 183 -7.78 5.68 -19.98
C SER A 183 -7.09 6.70 -19.14
N TYR A 184 -5.80 6.48 -18.85
CA TYR A 184 -5.06 7.36 -17.95
C TYR A 184 -3.85 7.90 -18.67
N ARG A 185 -3.71 9.22 -18.74
CA ARG A 185 -2.38 9.82 -19.00
C ARG A 185 -1.39 9.42 -17.91
N GLY A 186 -0.11 9.32 -18.28
CA GLY A 186 0.97 9.12 -17.32
C GLY A 186 0.80 10.15 -16.20
N ALA A 187 0.46 11.38 -16.58
CA ALA A 187 0.36 12.48 -15.52
C ALA A 187 -0.78 12.24 -14.53
N ASP A 188 -1.88 11.64 -14.98
CA ASP A 188 -2.99 11.43 -14.08
C ASP A 188 -2.61 10.33 -13.08
N LEU A 189 -1.96 9.25 -13.57
CA LEU A 189 -1.51 8.18 -12.72
C LEU A 189 -0.55 8.73 -11.71
N GLU A 190 0.37 9.56 -12.22
CA GLU A 190 1.33 10.16 -11.32
C GLU A 190 0.63 10.88 -10.20
N LYS A 191 -0.34 11.72 -10.58
CA LYS A 191 -1.19 12.40 -9.60
C LYS A 191 -1.95 11.53 -8.62
N ARG A 192 -2.45 10.40 -9.09
CA ARG A 192 -3.19 9.48 -8.25
C ARG A 192 -2.25 8.73 -7.33
N GLY A 193 -0.98 8.78 -7.63
CA GLY A 193 0.00 8.12 -6.80
C GLY A 193 0.32 6.72 -7.24
N VAL A 194 1.43 6.53 -7.90
CA VAL A 194 1.85 5.22 -8.29
C VAL A 194 3.28 5.07 -7.90
N PRO A 195 3.74 3.85 -7.70
CA PRO A 195 5.15 3.66 -7.24
C PRO A 195 6.17 3.78 -8.42
N PHE A 196 5.67 4.04 -9.60
CA PHE A 196 6.54 4.11 -10.79
C PHE A 196 7.07 5.51 -10.98
N LYS A 197 8.32 5.62 -11.43
CA LYS A 197 8.79 6.94 -11.88
C LYS A 197 7.92 7.34 -13.06
N VAL A 198 7.46 8.58 -13.06
CA VAL A 198 6.77 9.13 -14.21
C VAL A 198 7.58 10.35 -14.70
N LEU A 199 7.90 10.34 -15.99
CA LEU A 199 8.79 11.30 -16.68
C LEU A 199 8.23 11.77 -18.02
N PRO A 200 8.69 12.96 -18.48
CA PRO A 200 8.48 13.44 -19.88
C PRO A 200 8.92 12.31 -20.82
N ARG A 201 8.13 11.99 -21.85
CA ARG A 201 8.48 10.94 -22.78
C ARG A 201 9.94 11.04 -23.24
N ALA A 202 10.36 12.25 -23.64
CA ALA A 202 11.74 12.48 -24.12
C ALA A 202 12.82 12.08 -23.11
N GLU A 203 12.46 11.91 -21.82
CA GLU A 203 13.47 11.51 -20.80
C GLU A 203 13.41 10.03 -20.45
N VAL A 204 12.41 9.29 -20.95
CA VAL A 204 12.16 7.97 -20.33
C VAL A 204 13.32 7.05 -20.58
N LEU A 205 13.72 7.00 -21.84
CA LEU A 205 14.83 6.13 -22.25
C LEU A 205 16.17 6.48 -21.60
N ASP A 206 16.55 7.77 -21.63
CA ASP A 206 17.76 8.20 -20.88
C ASP A 206 17.75 7.79 -19.41
N TYR A 207 16.61 7.93 -18.77
CA TYR A 207 16.51 7.52 -17.37
C TYR A 207 16.66 6.02 -17.24
N ALA A 208 16.04 5.29 -18.18
CA ALA A 208 16.14 3.84 -18.15
C ALA A 208 17.61 3.36 -18.29
N VAL A 209 18.38 4.02 -19.16
CA VAL A 209 19.80 3.66 -19.39
C VAL A 209 20.58 3.94 -18.10
N GLU A 210 20.40 5.15 -17.52
CA GLU A 210 21.07 5.48 -16.23
C GLU A 210 20.78 4.48 -15.18
N LEU A 211 19.52 4.09 -15.06
CA LEU A 211 19.13 3.09 -14.08
C LEU A 211 19.75 1.71 -14.39
N ALA A 212 19.76 1.30 -15.66
CA ALA A 212 20.43 0.07 -16.08
C ALA A 212 21.93 0.13 -15.77
N GLN A 213 22.56 1.29 -16.03
CA GLN A 213 23.98 1.45 -15.61
C GLN A 213 24.24 1.27 -14.10
N GLU A 214 23.36 1.81 -13.27
CA GLU A 214 23.45 1.55 -11.85
C GLU A 214 23.25 0.10 -11.43
N LEU A 215 22.27 -0.56 -12.05
CA LEU A 215 22.07 -2.01 -11.83
C LEU A 215 23.36 -2.79 -12.17
N ALA A 216 23.97 -2.39 -13.29
CA ALA A 216 25.18 -3.09 -13.83
C ALA A 216 26.40 -2.87 -12.97
N GLU A 217 26.31 -1.98 -11.98
CA GLU A 217 27.38 -1.94 -10.98
C GLU A 217 27.48 -3.19 -10.10
N LYS A 218 26.43 -4.05 -10.09
CA LYS A 218 26.39 -5.27 -9.28
C LYS A 218 26.92 -6.46 -10.05
N PRO A 219 27.41 -7.45 -9.31
CA PRO A 219 27.68 -8.74 -9.91
C PRO A 219 26.41 -9.34 -10.48
N ARG A 220 26.52 -9.98 -11.62
CA ARG A 220 25.31 -10.53 -12.21
C ARG A 220 24.64 -11.59 -11.32
N ASN A 221 25.43 -12.35 -10.52
CA ASN A 221 24.84 -13.38 -9.73
C ASN A 221 24.09 -12.81 -8.53
N SER A 222 24.54 -11.65 -8.03
CA SER A 222 23.75 -11.06 -6.91
C SER A 222 22.41 -10.58 -7.43
N LEU A 223 22.36 -9.99 -8.63
CA LEU A 223 21.10 -9.50 -9.16
C LEU A 223 20.10 -10.67 -9.37
N VAL A 224 20.61 -11.81 -9.87
CA VAL A 224 19.79 -12.94 -10.20
C VAL A 224 19.23 -13.57 -8.91
N THR A 225 20.09 -13.75 -7.91
CA THR A 225 19.68 -14.34 -6.65
C THR A 225 18.64 -13.45 -6.00
N LEU A 226 18.97 -12.18 -5.86
CA LEU A 226 17.98 -11.31 -5.30
C LEU A 226 16.66 -11.29 -6.07
N LYS A 227 16.70 -11.19 -7.42
CA LYS A 227 15.44 -11.28 -8.18
C LYS A 227 14.74 -12.60 -7.85
N ASP A 228 15.47 -13.73 -7.83
CA ASP A 228 14.92 -15.08 -7.51
C ASP A 228 14.08 -15.01 -6.28
N HIS A 229 14.64 -14.37 -5.24
CA HIS A 229 13.96 -14.15 -3.99
C HIS A 229 12.72 -13.28 -4.06
N LEU A 230 12.84 -12.10 -4.70
CA LEU A 230 11.76 -11.17 -4.76
C LEU A 230 10.63 -11.75 -5.60
N VAL A 231 10.91 -12.51 -6.63
CA VAL A 231 9.73 -12.84 -7.44
C VAL A 231 9.30 -14.30 -7.29
N ALA A 232 9.95 -15.05 -6.41
CA ALA A 232 9.55 -16.49 -6.21
C ALA A 232 8.02 -16.69 -6.05
N PRO A 233 7.39 -15.93 -5.15
CA PRO A 233 5.97 -16.12 -4.94
C PRO A 233 5.17 -15.87 -6.21
N LEU A 234 5.57 -14.92 -7.06
CA LEU A 234 4.84 -14.66 -8.31
C LEU A 234 5.04 -15.85 -9.26
N ARG A 235 6.27 -16.30 -9.43
CA ARG A 235 6.54 -17.42 -10.33
C ARG A 235 5.85 -18.67 -9.81
N ASP A 236 5.70 -18.78 -8.50
CA ASP A 236 5.09 -19.96 -7.95
C ASP A 236 3.56 -19.88 -8.08
N GLN A 237 2.98 -18.69 -7.86
CA GLN A 237 1.50 -18.55 -7.85
C GLN A 237 0.86 -18.32 -9.22
N LEU A 238 1.56 -17.59 -10.09
CA LEU A 238 1.08 -17.35 -11.45
C LEU A 238 0.66 -18.59 -12.26
N PRO A 239 1.55 -19.57 -12.36
CA PRO A 239 1.26 -20.80 -13.11
C PRO A 239 -0.13 -21.35 -12.79
N ARG A 240 -0.31 -21.81 -11.55
CA ARG A 240 -1.60 -22.36 -11.11
C ARG A 240 -2.71 -21.34 -11.29
N VAL A 241 -2.66 -20.27 -10.49
CA VAL A 241 -3.67 -19.22 -10.55
C VAL A 241 -3.70 -18.56 -11.93
N ILE A 242 -3.86 -19.37 -12.97
CA ILE A 242 -3.91 -18.86 -14.34
C ILE A 242 -5.08 -19.45 -15.10
N GLU A 243 -5.53 -20.62 -14.68
CA GLU A 243 -6.66 -21.30 -15.32
C GLU A 243 -7.99 -20.69 -14.88
N SER B 23 -38.43 6.81 5.99
CA SER B 23 -37.18 6.01 6.00
C SER B 23 -35.89 6.86 6.11
N VAL B 24 -34.84 6.32 6.70
CA VAL B 24 -33.64 7.16 6.78
C VAL B 24 -32.64 6.78 5.66
N VAL B 25 -33.04 5.85 4.81
CA VAL B 25 -32.28 5.49 3.61
C VAL B 25 -33.17 5.73 2.37
N GLU B 26 -32.68 6.48 1.40
CA GLU B 26 -33.40 6.72 0.20
C GLU B 26 -32.77 6.10 -1.02
N LEU B 27 -33.63 5.51 -1.83
CA LEU B 27 -33.19 4.70 -2.95
C LEU B 27 -33.56 5.39 -4.23
N ILE B 28 -32.55 5.84 -4.96
CA ILE B 28 -32.71 6.62 -6.20
C ILE B 28 -32.05 5.94 -7.39
N GLU B 29 -32.85 5.66 -8.42
CA GLU B 29 -32.33 5.16 -9.66
C GLU B 29 -31.79 6.32 -10.44
N ILE B 30 -30.65 6.09 -11.10
CA ILE B 30 -30.11 7.08 -11.98
C ILE B 30 -29.92 6.42 -13.34
N GLU B 31 -30.40 7.10 -14.38
CA GLU B 31 -30.42 6.45 -15.71
C GLU B 31 -31.17 5.11 -15.59
N SER B 32 -30.65 4.04 -16.19
CA SER B 32 -31.36 2.75 -16.10
C SER B 32 -30.81 1.87 -15.04
N ALA B 33 -29.49 1.82 -14.95
CA ALA B 33 -28.89 0.77 -14.18
C ALA B 33 -28.07 1.21 -12.95
N ILE B 34 -28.15 2.46 -12.55
CA ILE B 34 -27.42 2.92 -11.37
C ILE B 34 -28.41 3.09 -10.21
N ILE B 35 -28.03 2.58 -9.04
CA ILE B 35 -28.88 2.68 -7.89
C ILE B 35 -28.10 3.47 -6.84
N GLN B 36 -28.65 4.62 -6.47
CA GLN B 36 -28.06 5.41 -5.41
C GLN B 36 -28.67 5.09 -4.08
N VAL B 37 -27.81 4.89 -3.09
CA VAL B 37 -28.29 4.53 -1.74
C VAL B 37 -27.88 5.74 -0.82
N LYS B 38 -28.81 6.59 -0.48
CA LYS B 38 -28.46 7.84 0.16
C LYS B 38 -28.82 7.62 1.63
N MET B 39 -27.81 7.60 2.51
CA MET B 39 -28.02 7.60 3.99
C MET B 39 -28.48 8.96 4.48
N GLN B 40 -29.64 9.03 5.14
CA GLN B 40 -30.14 10.35 5.55
C GLN B 40 -30.87 10.37 6.92
N ASP B 41 -30.18 9.84 7.91
CA ASP B 41 -30.65 9.92 9.29
C ASP B 41 -29.99 11.17 9.85
N ARG B 42 -30.68 12.28 9.63
CA ARG B 42 -30.31 13.63 10.05
C ARG B 42 -30.27 13.73 11.55
N THR B 43 -31.21 13.07 12.19
CA THR B 43 -31.26 12.97 13.60
C THR B 43 -29.95 12.49 14.21
N HIS B 44 -29.31 11.46 13.66
CA HIS B 44 -28.07 10.93 14.29
C HIS B 44 -26.87 11.20 13.43
N LYS B 45 -27.01 12.16 12.52
CA LYS B 45 -25.92 12.47 11.60
C LYS B 45 -25.36 11.18 10.89
N ASN B 46 -26.24 10.27 10.48
CA ASN B 46 -25.85 9.00 9.86
C ASN B 46 -24.97 8.11 10.73
N ALA B 47 -25.11 8.23 12.04
CA ALA B 47 -24.54 7.23 12.90
C ALA B 47 -25.43 5.99 12.78
N PHE B 48 -24.96 4.85 13.29
CA PHE B 48 -25.66 3.56 13.13
C PHE B 48 -26.84 3.43 14.05
N SER B 49 -27.81 4.34 13.92
CA SER B 49 -29.08 4.13 14.64
C SER B 49 -29.64 2.77 14.18
N GLN B 50 -30.56 2.22 14.97
CA GLN B 50 -31.17 0.93 14.64
C GLN B 50 -31.91 1.00 13.31
N GLU B 51 -32.41 2.19 12.98
CA GLU B 51 -33.15 2.40 11.74
C GLU B 51 -32.21 2.40 10.54
N LEU B 52 -31.14 3.20 10.63
CA LEU B 52 -30.17 3.29 9.56
C LEU B 52 -29.62 1.91 9.22
N THR B 53 -29.24 1.19 10.26
CA THR B 53 -28.75 -0.21 10.17
C THR B 53 -29.75 -1.11 9.42
N ASP B 54 -31.01 -1.08 9.85
CA ASP B 54 -32.05 -1.94 9.24
C ASP B 54 -32.31 -1.51 7.82
N ASP B 55 -32.43 -0.21 7.59
CA ASP B 55 -32.74 0.24 6.26
C ASP B 55 -31.58 -0.04 5.29
N LEU B 56 -30.34 -0.05 5.77
CA LEU B 56 -29.13 -0.29 4.97
C LEU B 56 -29.13 -1.73 4.55
N ILE B 57 -29.28 -2.65 5.52
CA ILE B 57 -29.42 -4.09 5.20
C ILE B 57 -30.51 -4.35 4.10
N GLN B 58 -31.72 -3.84 4.37
CA GLN B 58 -32.86 -3.91 3.44
C GLN B 58 -32.57 -3.30 2.05
N ALA B 59 -31.99 -2.08 2.03
CA ALA B 59 -31.56 -1.48 0.75
C ALA B 59 -30.66 -2.43 -0.03
N PHE B 60 -29.63 -2.98 0.65
CA PHE B 60 -28.73 -3.92 -0.03
C PHE B 60 -29.36 -5.25 -0.39
N GLU B 61 -30.24 -5.73 0.47
CA GLU B 61 -31.04 -6.88 0.06
C GLU B 61 -31.86 -6.57 -1.19
N TYR B 62 -32.48 -5.41 -1.27
CA TYR B 62 -33.30 -5.17 -2.43
C TYR B 62 -32.42 -5.09 -3.72
N ILE B 63 -31.23 -4.48 -3.61
CA ILE B 63 -30.33 -4.34 -4.78
C ILE B 63 -29.87 -5.72 -5.23
N ARG B 64 -29.50 -6.57 -4.29
CA ARG B 64 -29.00 -7.89 -4.64
C ARG B 64 -30.08 -8.68 -5.36
N GLN B 65 -31.34 -8.41 -5.04
CA GLN B 65 -32.45 -9.08 -5.72
C GLN B 65 -32.82 -8.49 -7.10
N ASN B 66 -32.16 -7.40 -7.51
CA ASN B 66 -32.52 -6.72 -8.75
C ASN B 66 -31.46 -6.84 -9.81
N PRO B 67 -31.59 -7.79 -10.78
CA PRO B 67 -30.45 -7.82 -11.72
C PRO B 67 -30.47 -6.74 -12.81
N LYS B 68 -31.36 -5.75 -12.70
CA LYS B 68 -31.23 -4.55 -13.51
C LYS B 68 -29.94 -3.79 -13.13
N TYR B 69 -29.61 -3.69 -11.85
CA TYR B 69 -28.56 -2.76 -11.40
C TYR B 69 -27.15 -3.22 -11.76
N LYS B 70 -26.28 -2.27 -12.08
CA LYS B 70 -24.93 -2.58 -12.45
C LYS B 70 -23.93 -1.85 -11.60
N ALA B 71 -24.37 -0.80 -10.91
CA ALA B 71 -23.45 -0.08 -9.98
C ALA B 71 -24.27 0.58 -8.92
N VAL B 72 -23.73 0.54 -7.72
CA VAL B 72 -24.34 1.17 -6.55
C VAL B 72 -23.52 2.41 -6.21
N ILE B 73 -24.20 3.53 -5.96
CA ILE B 73 -23.58 4.69 -5.33
C ILE B 73 -24.09 4.80 -3.90
N LEU B 74 -23.19 4.53 -2.94
CA LEU B 74 -23.42 4.72 -1.51
C LEU B 74 -23.00 6.11 -1.01
N THR B 75 -23.90 6.89 -0.43
CA THR B 75 -23.54 8.28 -0.06
C THR B 75 -24.27 8.71 1.18
N GLY B 76 -23.96 9.88 1.69
CA GLY B 76 -24.70 10.46 2.82
C GLY B 76 -25.52 11.70 2.44
N TYR B 77 -25.68 12.64 3.37
CA TYR B 77 -26.51 13.83 3.11
C TYR B 77 -25.61 14.98 3.58
N ASP B 78 -25.64 16.14 2.91
CA ASP B 78 -24.99 17.39 3.45
C ASP B 78 -23.50 17.12 3.76
N ASN B 79 -23.09 17.40 4.98
CA ASN B 79 -21.73 17.28 5.39
C ASN B 79 -21.35 15.93 6.04
N TYR B 80 -22.22 14.93 5.99
CA TYR B 80 -21.99 13.64 6.65
C TYR B 80 -22.03 12.46 5.68
N PHE B 81 -20.98 11.65 5.68
CA PHE B 81 -21.13 10.35 4.97
C PHE B 81 -21.75 9.35 5.92
N ALA B 82 -21.04 9.04 6.95
CA ALA B 82 -21.43 8.04 7.94
C ALA B 82 -20.57 8.22 9.22
N SER B 83 -21.22 8.03 10.37
CA SER B 83 -20.61 8.37 11.67
C SER B 83 -20.28 7.20 12.57
N GLY B 84 -20.61 5.97 12.18
CA GLY B 84 -20.16 4.80 12.98
C GLY B 84 -21.11 4.71 14.17
N GLY B 85 -20.69 4.00 15.22
CA GLY B 85 -21.66 3.59 16.27
C GLY B 85 -22.20 4.83 16.96
N THR B 86 -23.49 4.82 17.32
CA THR B 86 -24.09 5.85 18.20
C THR B 86 -23.49 5.64 19.60
N GLN B 87 -23.67 6.65 20.44
CA GLN B 87 -23.14 6.59 21.78
C GLN B 87 -23.80 5.50 22.63
N GLU B 88 -25.11 5.39 22.54
CA GLU B 88 -25.86 4.33 23.18
C GLU B 88 -25.42 2.96 22.72
N GLY B 89 -25.24 2.85 21.41
CA GLY B 89 -24.72 1.68 20.75
C GLY B 89 -23.42 1.15 21.35
N LEU B 90 -22.44 2.02 21.46
CA LEU B 90 -21.18 1.64 21.96
C LEU B 90 -21.25 1.29 23.46
N LEU B 91 -22.06 2.01 24.25
CA LEU B 91 -22.31 1.67 25.68
C LEU B 91 -22.90 0.27 25.90
N ARG B 92 -23.83 -0.14 25.04
CA ARG B 92 -24.50 -1.41 25.14
C ARG B 92 -23.51 -2.52 24.90
N ILE B 93 -22.63 -2.34 23.89
CA ILE B 93 -21.58 -3.28 23.64
C ILE B 93 -20.69 -3.27 24.89
N GLN B 94 -20.32 -2.08 25.36
CA GLN B 94 -19.34 -1.97 26.43
C GLN B 94 -19.89 -2.78 27.67
N GLN B 95 -21.23 -2.73 27.82
CA GLN B 95 -21.95 -3.43 28.88
C GLN B 95 -22.04 -4.93 28.67
N GLY B 96 -21.77 -5.44 27.48
CA GLY B 96 -21.93 -6.84 27.23
C GLY B 96 -23.28 -7.23 26.62
N LEU B 97 -24.09 -6.24 26.27
CA LEU B 97 -25.42 -6.51 25.74
C LEU B 97 -25.45 -6.99 24.30
N THR B 98 -24.57 -6.43 23.47
CA THR B 98 -24.57 -6.73 22.01
C THR B 98 -23.12 -6.72 21.43
N ALA B 99 -22.95 -7.19 20.17
CA ALA B 99 -21.63 -7.11 19.46
C ALA B 99 -21.71 -6.44 18.04
N PHE B 100 -20.59 -5.90 17.52
CA PHE B 100 -20.55 -5.29 16.15
C PHE B 100 -21.02 -6.25 15.02
N THR B 101 -20.77 -7.56 15.23
CA THR B 101 -21.17 -8.66 14.32
C THR B 101 -22.70 -8.88 14.24
N ASP B 102 -23.44 -8.54 15.31
CA ASP B 102 -24.92 -8.48 15.24
C ASP B 102 -25.30 -7.48 14.13
N ASP B 103 -25.99 -7.98 13.10
CA ASP B 103 -26.41 -7.21 11.89
C ASP B 103 -25.45 -7.35 10.71
N ASN B 104 -24.21 -6.86 10.86
CA ASN B 104 -23.11 -7.22 9.95
C ASN B 104 -22.79 -6.22 8.84
N LEU B 105 -23.34 -5.00 8.99
CA LEU B 105 -23.00 -3.81 8.20
C LEU B 105 -21.69 -3.75 7.48
N TYR B 106 -20.60 -4.14 8.14
CA TYR B 106 -19.26 -3.98 7.54
C TYR B 106 -19.17 -4.56 6.14
N SER B 107 -19.85 -5.66 5.90
CA SER B 107 -19.68 -6.41 4.64
C SER B 107 -20.70 -6.11 3.50
N LEU B 108 -21.59 -5.12 3.73
CA LEU B 108 -22.65 -4.83 2.76
C LEU B 108 -22.10 -4.65 1.36
N ALA B 109 -21.05 -3.84 1.22
CA ALA B 109 -20.53 -3.53 -0.12
C ALA B 109 -19.66 -4.66 -0.67
N LEU B 110 -18.95 -5.35 0.23
CA LEU B 110 -18.19 -6.52 -0.15
C LEU B 110 -19.10 -7.68 -0.69
N ASP B 111 -20.20 -7.97 -0.01
CA ASP B 111 -21.13 -9.02 -0.45
C ASP B 111 -21.99 -8.69 -1.67
N CYS B 112 -22.20 -7.41 -1.93
CA CYS B 112 -22.97 -6.96 -3.10
C CYS B 112 -22.27 -7.41 -4.38
N GLU B 113 -22.99 -8.07 -5.27
CA GLU B 113 -22.38 -8.70 -6.41
C GLU B 113 -21.83 -7.71 -7.42
N ILE B 114 -22.50 -6.56 -7.49
CA ILE B 114 -22.10 -5.44 -8.38
C ILE B 114 -21.19 -4.40 -7.66
N PRO B 115 -20.42 -3.68 -8.45
CA PRO B 115 -19.50 -2.67 -7.93
C PRO B 115 -20.26 -1.66 -7.09
N VAL B 116 -19.62 -1.20 -6.05
CA VAL B 116 -20.21 -0.17 -5.19
C VAL B 116 -19.21 0.97 -5.13
N ILE B 117 -19.71 2.20 -5.29
CA ILE B 117 -18.87 3.37 -5.16
C ILE B 117 -19.25 4.06 -3.85
N ALA B 118 -18.28 4.24 -2.95
CA ALA B 118 -18.52 4.96 -1.74
C ALA B 118 -18.18 6.39 -2.11
N ALA B 119 -19.22 7.21 -2.26
CA ALA B 119 -19.03 8.66 -2.50
C ALA B 119 -19.08 9.32 -1.12
N MET B 120 -17.93 9.52 -0.48
CA MET B 120 -17.88 10.05 0.86
C MET B 120 -17.84 11.60 0.84
N GLN B 121 -19.01 12.19 0.56
CA GLN B 121 -19.10 13.58 0.22
C GLN B 121 -18.95 14.35 1.55
N GLY B 122 -19.00 13.63 2.68
CA GLY B 122 -18.97 14.25 4.00
C GLY B 122 -18.11 13.42 4.92
N HIS B 123 -18.07 13.78 6.19
CA HIS B 123 -17.29 13.05 7.16
C HIS B 123 -17.53 11.54 7.25
N GLY B 124 -16.45 10.75 7.30
CA GLY B 124 -16.50 9.26 7.47
C GLY B 124 -15.89 8.98 8.89
N ILE B 125 -16.68 8.51 9.83
CA ILE B 125 -16.12 8.34 11.17
C ILE B 125 -16.29 6.92 11.72
N GLY B 126 -15.19 6.35 12.23
CA GLY B 126 -15.26 5.08 12.98
C GLY B 126 -15.82 4.00 12.06
N GLY B 127 -16.85 3.29 12.54
CA GLY B 127 -17.46 2.23 11.68
C GLY B 127 -18.06 2.70 10.37
N GLY B 128 -18.40 4.00 10.34
CA GLY B 128 -18.97 4.55 9.08
C GLY B 128 -17.92 4.68 7.99
N PHE B 129 -16.74 5.09 8.38
CA PHE B 129 -15.61 5.16 7.47
C PHE B 129 -15.23 3.77 7.00
N VAL B 130 -15.11 2.85 7.95
CA VAL B 130 -14.74 1.47 7.62
C VAL B 130 -15.74 0.80 6.64
N MET B 131 -17.05 0.96 6.87
CA MET B 131 -18.13 0.43 5.97
C MET B 131 -17.88 0.83 4.53
N GLY B 132 -17.67 2.12 4.35
CA GLY B 132 -17.34 2.72 3.10
C GLY B 132 -16.08 2.14 2.48
N LEU B 133 -15.07 1.77 3.29
CA LEU B 133 -13.81 1.25 2.71
C LEU B 133 -13.97 -0.10 2.00
N PHE B 134 -15.05 -0.82 2.32
CA PHE B 134 -15.33 -2.11 1.66
C PHE B 134 -15.92 -1.88 0.25
N ALA B 135 -16.21 -0.61 -0.11
CA ALA B 135 -16.66 -0.33 -1.52
C ALA B 135 -15.54 -0.65 -2.52
N ASP B 136 -15.85 -1.09 -3.75
CA ASP B 136 -14.80 -1.29 -4.72
C ASP B 136 -14.08 -0.01 -5.09
N ILE B 137 -14.79 1.12 -5.03
CA ILE B 137 -14.15 2.41 -5.40
C ILE B 137 -14.57 3.38 -4.32
N VAL B 138 -13.64 4.05 -3.71
CA VAL B 138 -13.87 5.03 -2.65
C VAL B 138 -13.45 6.43 -3.07
N ILE B 139 -14.29 7.42 -2.82
CA ILE B 139 -14.00 8.78 -3.27
C ILE B 139 -14.12 9.60 -1.95
N LEU B 140 -13.11 10.38 -1.62
CA LEU B 140 -13.18 11.28 -0.42
C LEU B 140 -13.40 12.75 -0.80
N SER B 141 -13.97 13.51 0.14
CA SER B 141 -14.00 14.98 0.10
C SER B 141 -12.78 15.58 0.71
N ARG B 142 -12.22 16.58 0.04
CA ARG B 142 -11.05 17.28 0.55
C ARG B 142 -11.28 17.90 1.92
N GLU B 143 -12.42 18.58 2.08
CA GLU B 143 -12.75 19.30 3.40
C GLU B 143 -13.26 18.43 4.51
N SER B 144 -13.73 17.21 4.22
CA SER B 144 -14.36 16.46 5.26
C SER B 144 -13.30 15.78 6.11
N VAL B 145 -13.76 15.31 7.27
CA VAL B 145 -12.91 14.58 8.18
C VAL B 145 -13.10 13.03 8.08
N TYR B 146 -11.99 12.32 8.13
CA TYR B 146 -12.02 10.85 8.17
C TYR B 146 -11.22 10.31 9.35
N THR B 147 -11.78 9.30 10.05
CA THR B 147 -11.06 8.72 11.18
C THR B 147 -11.49 7.29 11.50
N ALA B 148 -10.54 6.44 11.90
CA ALA B 148 -10.94 5.14 12.40
C ALA B 148 -10.74 5.35 13.90
N ASN B 149 -11.74 5.91 14.55
CA ASN B 149 -11.47 6.50 15.87
C ASN B 149 -11.72 5.52 16.99
N PHE B 150 -11.91 4.25 16.66
CA PHE B 150 -12.20 3.21 17.67
C PHE B 150 -11.31 3.33 18.93
N MET B 151 -9.98 3.46 18.75
CA MET B 151 -9.05 3.39 19.88
C MET B 151 -9.11 4.66 20.78
N LYS B 152 -9.71 5.75 20.25
CA LYS B 152 -9.95 6.96 21.09
C LYS B 152 -10.83 6.59 22.31
N TYR B 153 -11.74 5.62 22.12
CA TYR B 153 -12.60 5.22 23.22
C TYR B 153 -11.96 4.19 24.07
N GLY B 154 -10.78 3.75 23.65
CA GLY B 154 -10.04 2.75 24.40
C GLY B 154 -10.28 1.31 24.07
N PHE B 155 -11.11 1.02 23.07
CA PHE B 155 -11.32 -0.32 22.58
C PHE B 155 -10.74 -0.51 21.17
N THR B 156 -10.46 -1.73 20.79
CA THR B 156 -9.79 -2.02 19.50
C THR B 156 -10.66 -1.93 18.23
N PRO B 157 -10.12 -1.64 17.05
CA PRO B 157 -10.97 -1.44 15.87
C PRO B 157 -11.80 -2.65 15.60
N GLY B 158 -13.07 -2.41 15.26
CA GLY B 158 -14.01 -3.46 14.86
C GLY B 158 -14.33 -3.28 13.37
N MET B 159 -15.37 -4.00 12.94
CA MET B 159 -16.00 -3.89 11.59
C MET B 159 -15.09 -4.27 10.43
N GLY B 160 -14.08 -5.11 10.70
CA GLY B 160 -13.14 -5.41 9.66
C GLY B 160 -12.09 -4.35 9.38
N ALA B 161 -12.00 -3.32 10.23
CA ALA B 161 -11.00 -2.24 10.07
C ALA B 161 -9.56 -2.73 9.99
N THR B 162 -9.18 -3.77 10.78
CA THR B 162 -7.79 -4.24 10.80
C THR B 162 -7.47 -5.03 9.55
N PHE B 163 -8.52 -5.38 8.83
CA PHE B 163 -8.28 -5.98 7.53
C PHE B 163 -8.44 -4.94 6.43
N ILE B 164 -9.51 -4.15 6.39
CA ILE B 164 -9.80 -3.45 5.08
C ILE B 164 -8.94 -2.13 4.99
N VAL B 165 -8.55 -1.61 6.13
CA VAL B 165 -7.75 -0.40 6.10
C VAL B 165 -6.33 -0.70 5.53
N PRO B 166 -5.60 -1.75 6.03
CA PRO B 166 -4.35 -2.06 5.33
C PRO B 166 -4.52 -2.51 3.91
N LYS B 167 -5.62 -3.23 3.64
CA LYS B 167 -5.87 -3.70 2.28
C LYS B 167 -6.06 -2.49 1.31
N LYS B 168 -6.73 -1.40 1.73
CA LYS B 168 -7.03 -0.30 0.84
C LYS B 168 -5.93 0.73 0.87
N LEU B 169 -5.36 1.00 2.06
CA LEU B 169 -4.45 2.13 2.22
C LEU B 169 -3.02 1.66 2.44
N GLY B 170 -2.79 0.37 2.58
CA GLY B 170 -1.41 -0.17 2.71
C GLY B 170 -1.16 -0.39 4.21
N PHE B 171 -0.31 -1.35 4.53
CA PHE B 171 -0.04 -1.73 5.89
C PHE B 171 0.55 -0.55 6.78
N SER B 172 1.57 0.13 6.27
CA SER B 172 2.20 1.19 7.03
C SER B 172 1.27 2.27 7.49
N LEU B 173 0.49 2.82 6.54
CA LEU B 173 -0.37 3.92 6.86
C LEU B 173 -1.49 3.44 7.77
N ALA B 174 -1.96 2.23 7.49
CA ALA B 174 -3.01 1.61 8.36
C ALA B 174 -2.55 1.47 9.85
N GLN B 175 -1.28 1.17 10.11
CA GLN B 175 -0.82 1.08 11.54
C GLN B 175 -1.07 2.41 12.26
N GLU B 176 -0.73 3.49 11.59
CA GLU B 176 -0.89 4.84 12.16
C GLU B 176 -2.37 5.14 12.33
N ILE B 177 -3.19 4.90 11.30
CA ILE B 177 -4.64 5.15 11.34
C ILE B 177 -5.33 4.38 12.50
N LEU B 178 -5.02 3.10 12.64
CA LEU B 178 -5.65 2.12 13.54
C LEU B 178 -5.12 2.31 14.99
N LEU B 179 -3.78 2.42 15.16
CA LEU B 179 -3.21 2.57 16.53
C LEU B 179 -3.58 3.91 17.18
N ASN B 180 -3.59 4.98 16.39
CA ASN B 180 -3.69 6.31 16.97
C ASN B 180 -5.04 6.96 16.86
N ALA B 181 -5.86 6.42 15.97
CA ALA B 181 -7.24 6.83 15.89
C ALA B 181 -7.35 8.32 15.58
N GLY B 182 -6.43 8.85 14.77
CA GLY B 182 -6.38 10.29 14.51
C GLY B 182 -7.41 10.71 13.46
N SER B 183 -7.70 12.00 13.46
CA SER B 183 -8.56 12.62 12.50
C SER B 183 -7.77 13.28 11.37
N TYR B 184 -8.14 12.99 10.13
CA TYR B 184 -7.53 13.48 8.92
C TYR B 184 -8.54 14.19 8.01
N ARG B 185 -8.20 15.33 7.43
CA ARG B 185 -9.05 15.91 6.40
C ARG B 185 -8.80 15.02 5.19
N GLY B 186 -9.77 14.94 4.29
CA GLY B 186 -9.50 14.37 2.94
C GLY B 186 -8.19 14.87 2.37
N ALA B 187 -7.93 16.17 2.49
CA ALA B 187 -6.68 16.77 1.95
C ALA B 187 -5.40 16.22 2.58
N ASP B 188 -5.45 15.92 3.88
CA ASP B 188 -4.32 15.28 4.56
C ASP B 188 -4.07 13.91 3.97
N LEU B 189 -5.12 13.10 3.79
CA LEU B 189 -4.94 11.78 3.25
C LEU B 189 -4.40 11.86 1.84
N GLU B 190 -4.91 12.82 1.08
CA GLU B 190 -4.38 13.06 -0.27
C GLU B 190 -2.89 13.46 -0.18
N LYS B 191 -2.48 14.28 0.81
CA LYS B 191 -1.03 14.54 0.90
C LYS B 191 -0.22 13.32 1.37
N ARG B 192 -0.82 12.40 2.11
CA ARG B 192 -0.05 11.21 2.48
C ARG B 192 0.02 10.19 1.35
N GLY B 193 -0.75 10.34 0.30
CA GLY B 193 -0.50 9.48 -0.85
C GLY B 193 -1.55 8.34 -1.10
N VAL B 194 -2.75 8.48 -0.53
CA VAL B 194 -3.80 7.44 -0.65
C VAL B 194 -4.26 7.23 -2.11
N PRO B 195 -4.72 6.02 -2.49
CA PRO B 195 -5.07 5.83 -3.95
C PRO B 195 -6.49 6.24 -4.31
N PHE B 196 -7.26 6.75 -3.36
CA PHE B 196 -8.60 7.22 -3.64
C PHE B 196 -8.58 8.61 -4.30
N LYS B 197 -9.60 8.88 -5.07
CA LYS B 197 -9.78 10.16 -5.70
C LYS B 197 -10.24 11.05 -4.57
N VAL B 198 -9.66 12.24 -4.46
CA VAL B 198 -10.08 13.24 -3.44
C VAL B 198 -10.55 14.48 -4.20
N LEU B 199 -11.78 14.95 -3.90
CA LEU B 199 -12.44 16.06 -4.61
C LEU B 199 -13.03 17.04 -3.63
N PRO B 200 -13.24 18.30 -4.08
CA PRO B 200 -14.00 19.18 -3.20
C PRO B 200 -15.33 18.47 -3.12
N ARG B 201 -15.92 18.67 -1.98
CA ARG B 201 -17.15 18.02 -1.58
C ARG B 201 -18.27 18.20 -2.60
N ALA B 202 -18.42 19.46 -3.06
CA ALA B 202 -19.42 19.81 -4.06
C ALA B 202 -19.30 18.96 -5.33
N GLU B 203 -18.18 18.29 -5.58
CA GLU B 203 -18.00 17.53 -6.87
C GLU B 203 -18.04 16.00 -6.65
N VAL B 204 -18.03 15.54 -5.38
CA VAL B 204 -17.85 14.12 -5.07
C VAL B 204 -19.00 13.33 -5.73
N LEU B 205 -20.23 13.76 -5.50
CA LEU B 205 -21.38 13.00 -6.07
C LEU B 205 -21.45 13.07 -7.61
N ASP B 206 -21.24 14.25 -8.21
CA ASP B 206 -21.13 14.33 -9.73
C ASP B 206 -20.11 13.34 -10.28
N TYR B 207 -18.92 13.30 -9.67
CA TYR B 207 -17.89 12.37 -10.10
C TYR B 207 -18.36 10.88 -9.97
N ALA B 208 -18.94 10.54 -8.81
CA ALA B 208 -19.49 9.20 -8.54
C ALA B 208 -20.50 8.82 -9.66
N VAL B 209 -21.36 9.78 -10.03
CA VAL B 209 -22.36 9.53 -11.08
C VAL B 209 -21.69 9.23 -12.43
N GLU B 210 -20.65 9.99 -12.79
CA GLU B 210 -20.07 9.75 -14.12
C GLU B 210 -19.37 8.47 -14.06
N LEU B 211 -18.72 8.17 -12.94
CA LEU B 211 -18.03 6.87 -12.86
C LEU B 211 -19.04 5.70 -12.96
N ALA B 212 -20.14 5.85 -12.26
CA ALA B 212 -21.21 4.85 -12.25
C ALA B 212 -21.79 4.60 -13.69
N GLN B 213 -21.99 5.68 -14.45
CA GLN B 213 -22.46 5.57 -15.86
C GLN B 213 -21.45 4.83 -16.70
N GLU B 214 -20.19 5.22 -16.57
CA GLU B 214 -19.11 4.46 -17.20
C GLU B 214 -19.08 2.98 -16.84
N LEU B 215 -19.24 2.63 -15.55
CA LEU B 215 -19.39 1.22 -15.21
C LEU B 215 -20.61 0.58 -15.87
N ALA B 216 -21.74 1.31 -15.91
CA ALA B 216 -23.04 0.79 -16.40
C ALA B 216 -22.98 0.48 -17.90
N GLU B 217 -21.91 0.93 -18.56
CA GLU B 217 -21.71 0.65 -20.01
C GLU B 217 -21.29 -0.80 -20.24
N LYS B 218 -20.82 -1.49 -19.19
CA LYS B 218 -20.25 -2.84 -19.31
C LYS B 218 -21.42 -3.85 -19.15
N PRO B 219 -21.27 -5.08 -19.67
CA PRO B 219 -22.36 -6.00 -19.31
C PRO B 219 -22.27 -6.37 -17.85
N ARG B 220 -23.43 -6.60 -17.27
CA ARG B 220 -23.52 -7.00 -15.91
C ARG B 220 -22.73 -8.25 -15.53
N ASN B 221 -22.82 -9.30 -16.35
CA ASN B 221 -22.11 -10.56 -16.09
C ASN B 221 -20.61 -10.35 -16.00
N SER B 222 -20.06 -9.50 -16.91
CA SER B 222 -18.65 -9.13 -16.80
C SER B 222 -18.27 -8.36 -15.52
N LEU B 223 -19.09 -7.42 -15.12
CA LEU B 223 -18.87 -6.71 -13.85
C LEU B 223 -18.88 -7.62 -12.63
N VAL B 224 -19.86 -8.51 -12.58
CA VAL B 224 -19.99 -9.46 -11.50
C VAL B 224 -18.85 -10.47 -11.42
N THR B 225 -18.52 -11.05 -12.56
CA THR B 225 -17.42 -11.96 -12.67
C THR B 225 -16.07 -11.36 -12.34
N LEU B 226 -15.77 -10.18 -12.89
CA LEU B 226 -14.51 -9.54 -12.55
C LEU B 226 -14.48 -9.16 -11.02
N LYS B 227 -15.57 -8.60 -10.49
CA LYS B 227 -15.61 -8.31 -9.03
C LYS B 227 -15.40 -9.64 -8.23
N ASP B 228 -16.12 -10.71 -8.58
CA ASP B 228 -15.89 -12.00 -7.91
C ASP B 228 -14.42 -12.38 -7.86
N HIS B 229 -13.69 -12.18 -8.92
CA HIS B 229 -12.29 -12.46 -8.93
C HIS B 229 -11.45 -11.53 -8.14
N LEU B 230 -11.79 -10.26 -8.13
CA LEU B 230 -10.99 -9.33 -7.39
C LEU B 230 -11.20 -9.48 -5.87
N VAL B 231 -12.41 -9.78 -5.43
CA VAL B 231 -12.69 -9.81 -3.99
C VAL B 231 -12.83 -11.21 -3.40
N ALA B 232 -12.81 -12.32 -4.22
CA ALA B 232 -12.72 -13.63 -3.56
C ALA B 232 -11.80 -13.67 -2.31
N PRO B 233 -10.55 -13.19 -2.42
CA PRO B 233 -9.69 -13.39 -1.28
C PRO B 233 -10.23 -12.62 -0.09
N LEU B 234 -10.84 -11.43 -0.28
CA LEU B 234 -11.43 -10.62 0.84
C LEU B 234 -12.61 -11.38 1.42
N ARG B 235 -13.50 -11.90 0.57
CA ARG B 235 -14.64 -12.67 1.11
C ARG B 235 -14.20 -13.92 1.89
N ASP B 236 -13.12 -14.55 1.46
CA ASP B 236 -12.51 -15.67 2.13
C ASP B 236 -11.91 -15.33 3.50
N GLN B 237 -11.12 -14.28 3.53
CA GLN B 237 -10.39 -13.93 4.75
C GLN B 237 -11.17 -13.16 5.78
N LEU B 238 -12.19 -12.41 5.35
CA LEU B 238 -12.80 -11.38 6.28
C LEU B 238 -13.43 -12.00 7.53
N PRO B 239 -14.12 -13.18 7.38
CA PRO B 239 -14.64 -13.80 8.62
C PRO B 239 -13.59 -14.12 9.70
N ARG B 240 -12.39 -14.46 9.31
CA ARG B 240 -11.39 -14.85 10.29
C ARG B 240 -10.89 -13.60 10.94
N VAL B 241 -10.86 -12.49 10.19
CA VAL B 241 -10.43 -11.22 10.83
C VAL B 241 -11.51 -10.68 11.79
N ILE B 242 -12.79 -10.86 11.42
CA ILE B 242 -13.91 -10.47 12.30
C ILE B 242 -13.81 -11.23 13.63
N GLU B 243 -13.52 -12.53 13.51
CA GLU B 243 -13.26 -13.34 14.69
C GLU B 243 -12.09 -12.84 15.60
N GLN B 244 -10.93 -12.55 15.00
CA GLN B 244 -9.83 -11.95 15.76
C GLN B 244 -10.21 -10.66 16.42
N GLU B 245 -11.00 -9.85 15.73
CA GLU B 245 -11.41 -8.55 16.23
C GLU B 245 -12.37 -8.70 17.38
N LEU B 246 -13.26 -9.68 17.27
CA LEU B 246 -14.13 -9.98 18.42
C LEU B 246 -13.28 -10.46 19.60
N MET B 247 -12.24 -11.22 19.30
CA MET B 247 -11.36 -11.62 20.40
C MET B 247 -10.70 -10.41 21.05
N MET B 248 -10.29 -9.40 20.25
CA MET B 248 -9.69 -8.18 20.85
C MET B 248 -10.73 -7.37 21.61
N HIS B 249 -11.96 -7.31 21.07
CA HIS B 249 -13.08 -6.70 21.87
C HIS B 249 -13.35 -7.28 23.23
N GLU B 250 -13.25 -8.62 23.36
CA GLU B 250 -13.48 -9.30 24.63
C GLU B 250 -12.44 -8.89 25.67
N LYS B 251 -11.25 -8.55 25.18
CA LYS B 251 -10.14 -8.15 26.03
C LYS B 251 -10.17 -6.65 26.39
N THR B 252 -10.77 -5.80 25.55
CA THR B 252 -10.60 -4.37 25.68
C THR B 252 -11.88 -3.57 25.89
N PHE B 253 -13.03 -4.11 25.48
CA PHE B 253 -14.30 -3.34 25.59
C PHE B 253 -14.84 -3.19 27.03
N HIS B 254 -14.69 -4.17 27.86
CA HIS B 254 -15.47 -4.20 29.06
C HIS B 254 -14.78 -3.71 30.30
N HIS B 255 -14.23 -2.51 30.24
CA HIS B 255 -13.56 -1.91 31.36
C HIS B 255 -14.22 -0.61 31.66
N GLU B 256 -14.13 -0.18 32.91
CA GLU B 256 -14.69 1.10 33.32
C GLU B 256 -14.09 2.27 32.48
N GLU B 257 -12.78 2.30 32.26
CA GLU B 257 -12.26 3.46 31.57
C GLU B 257 -12.83 3.58 30.13
N VAL B 258 -13.33 2.49 29.57
CA VAL B 258 -13.95 2.55 28.24
C VAL B 258 -15.29 3.20 28.26
N LYS B 259 -16.09 2.84 29.28
CA LYS B 259 -17.37 3.52 29.51
C LYS B 259 -17.12 5.05 29.75
N SER B 260 -16.10 5.42 30.55
CA SER B 260 -15.81 6.86 30.78
C SER B 260 -15.53 7.56 29.46
N ARG B 261 -14.75 6.89 28.59
CA ARG B 261 -14.35 7.48 27.31
C ARG B 261 -15.54 7.65 26.39
N ILE B 262 -16.42 6.64 26.32
CA ILE B 262 -17.58 6.76 25.40
C ILE B 262 -18.47 7.89 25.89
N LYS B 263 -18.61 8.02 27.21
CA LYS B 263 -19.40 9.12 27.79
C LYS B 263 -18.81 10.51 27.63
N GLY B 264 -17.49 10.61 27.79
CA GLY B 264 -16.85 11.93 27.85
C GLY B 264 -16.30 12.43 26.52
N LEU B 265 -15.99 11.52 25.61
CA LEU B 265 -15.24 11.89 24.41
C LEU B 265 -16.10 11.81 23.15
N TYR B 266 -17.34 11.32 23.24
CA TYR B 266 -18.16 11.13 22.05
C TYR B 266 -18.57 12.45 21.37
N GLY B 267 -18.18 12.51 20.12
CA GLY B 267 -18.47 13.60 19.22
C GLY B 267 -17.57 14.76 19.49
N ASN B 268 -16.44 14.53 20.16
CA ASN B 268 -15.65 15.60 20.80
C ASN B 268 -14.71 16.39 19.88
N GLN C 17 16.30 10.25 32.91
CA GLN C 17 17.37 10.38 31.89
C GLN C 17 18.66 9.71 32.38
N GLY C 18 19.04 8.58 31.79
CA GLY C 18 20.33 7.95 32.08
C GLY C 18 20.90 7.12 30.95
N PRO C 19 22.25 6.90 30.93
CA PRO C 19 22.83 6.12 29.84
C PRO C 19 22.75 4.59 30.06
N MET C 20 22.97 3.83 29.00
CA MET C 20 23.06 2.37 29.12
C MET C 20 24.53 2.02 29.44
N THR C 21 24.81 0.75 29.77
CA THR C 21 26.15 0.32 30.25
C THR C 21 27.30 0.92 29.43
N HIS C 22 27.28 0.76 28.10
CA HIS C 22 28.39 1.27 27.26
C HIS C 22 28.30 2.77 27.00
N SER C 23 27.27 3.41 27.58
CA SER C 23 27.05 4.86 27.44
C SER C 23 26.61 5.34 26.03
N VAL C 24 26.43 4.44 25.07
CA VAL C 24 26.22 4.85 23.69
C VAL C 24 24.72 4.94 23.29
N VAL C 25 23.83 4.69 24.25
CA VAL C 25 22.40 4.87 24.15
C VAL C 25 21.94 5.62 25.41
N GLU C 26 21.11 6.65 25.22
CA GLU C 26 20.65 7.41 26.31
C GLU C 26 19.15 7.08 26.32
N LEU C 27 18.61 6.72 27.48
CA LEU C 27 17.20 6.67 27.64
C LEU C 27 16.69 8.00 28.19
N ILE C 28 15.73 8.64 27.51
CA ILE C 28 15.16 9.93 27.99
C ILE C 28 13.63 9.85 28.15
N GLU C 29 13.17 10.02 29.38
CA GLU C 29 11.76 10.04 29.67
C GLU C 29 11.18 11.42 29.28
N ILE C 30 10.26 11.45 28.31
CA ILE C 30 9.77 12.72 27.73
C ILE C 30 8.60 13.15 28.61
N GLU C 31 7.73 12.21 28.86
CA GLU C 31 6.72 12.35 29.87
C GLU C 31 6.64 10.98 30.57
N SER C 32 5.71 10.85 31.51
CA SER C 32 5.60 9.63 32.26
C SER C 32 5.42 8.40 31.32
N ALA C 33 4.68 8.59 30.21
CA ALA C 33 4.34 7.45 29.34
C ALA C 33 5.13 7.39 28.00
N ILE C 34 6.10 8.28 27.84
CA ILE C 34 6.85 8.34 26.62
C ILE C 34 8.32 8.22 26.91
N ILE C 35 8.93 7.25 26.24
CA ILE C 35 10.33 7.01 26.45
C ILE C 35 11.10 7.26 25.17
N GLN C 36 12.09 8.13 25.21
CA GLN C 36 13.04 8.20 24.12
C GLN C 36 14.32 7.34 24.25
N VAL C 37 14.60 6.54 23.21
CA VAL C 37 15.81 5.71 23.09
C VAL C 37 16.73 6.39 22.09
N LYS C 38 17.77 7.03 22.60
CA LYS C 38 18.67 7.79 21.74
C LYS C 38 20.00 7.05 21.53
N MET C 39 20.21 6.61 20.28
CA MET C 39 21.47 5.97 19.86
C MET C 39 22.50 7.08 19.66
N GLN C 40 23.62 7.00 20.35
CA GLN C 40 24.65 8.07 20.31
C GLN C 40 26.07 7.54 20.47
N ASP C 41 26.40 6.52 19.69
CA ASP C 41 27.80 6.07 19.50
C ASP C 41 28.47 7.02 18.47
N ARG C 42 28.97 8.16 18.93
CA ARG C 42 29.53 9.19 18.01
C ARG C 42 30.79 8.74 17.25
N THR C 43 31.59 7.92 17.88
CA THR C 43 32.80 7.39 17.24
C THR C 43 32.47 6.64 15.95
N HIS C 44 31.39 5.85 15.98
CA HIS C 44 31.07 4.95 14.87
C HIS C 44 29.86 5.42 14.07
N LYS C 45 29.48 6.68 14.30
CA LYS C 45 28.31 7.32 13.72
C LYS C 45 27.10 6.41 13.73
N ASN C 46 26.79 5.84 14.88
CA ASN C 46 25.66 4.96 15.06
C ASN C 46 25.71 3.71 14.20
N ALA C 47 26.90 3.36 13.70
CA ALA C 47 27.11 1.96 13.27
C ALA C 47 26.84 0.91 14.40
N PHE C 48 26.63 -0.34 13.98
CA PHE C 48 26.21 -1.45 14.82
C PHE C 48 27.32 -2.12 15.64
N SER C 49 28.09 -1.34 16.38
CA SER C 49 29.06 -1.91 17.32
C SER C 49 28.45 -2.90 18.34
N GLN C 50 29.31 -3.68 18.96
CA GLN C 50 28.95 -4.48 20.10
C GLN C 50 28.27 -3.63 21.17
N GLU C 51 28.82 -2.44 21.41
CA GLU C 51 28.29 -1.57 22.44
C GLU C 51 26.91 -1.03 22.12
N LEU C 52 26.66 -0.71 20.83
CA LEU C 52 25.36 -0.18 20.48
C LEU C 52 24.36 -1.30 20.56
N THR C 53 24.74 -2.48 20.11
CA THR C 53 23.89 -3.60 20.17
C THR C 53 23.50 -3.87 21.65
N ASP C 54 24.47 -3.86 22.58
CA ASP C 54 24.23 -4.32 23.95
C ASP C 54 23.37 -3.30 24.61
N ASP C 55 23.72 -2.03 24.42
CA ASP C 55 22.97 -0.91 24.96
C ASP C 55 21.49 -0.82 24.45
N LEU C 56 21.28 -1.07 23.17
CA LEU C 56 19.90 -1.14 22.65
C LEU C 56 19.15 -2.34 23.25
N ILE C 57 19.81 -3.48 23.35
CA ILE C 57 19.16 -4.62 23.97
C ILE C 57 18.75 -4.23 25.43
N GLN C 58 19.64 -3.51 26.08
CA GLN C 58 19.47 -3.10 27.47
C GLN C 58 18.32 -2.11 27.56
N ALA C 59 18.32 -1.16 26.62
CA ALA C 59 17.26 -0.16 26.51
C ALA C 59 15.88 -0.82 26.39
N PHE C 60 15.72 -1.77 25.44
CA PHE C 60 14.43 -2.44 25.25
C PHE C 60 14.04 -3.36 26.40
N GLU C 61 15.01 -3.92 27.08
CA GLU C 61 14.65 -4.70 28.27
C GLU C 61 14.17 -3.79 29.46
N TYR C 62 14.79 -2.64 29.59
CA TYR C 62 14.34 -1.64 30.55
C TYR C 62 12.93 -1.24 30.27
N ILE C 63 12.63 -1.01 28.99
CA ILE C 63 11.27 -0.61 28.57
C ILE C 63 10.26 -1.74 28.94
N ARG C 64 10.65 -3.00 28.70
CA ARG C 64 9.80 -4.12 29.03
CA ARG C 64 9.74 -4.09 29.05
C ARG C 64 9.53 -4.15 30.54
N GLN C 65 10.51 -3.72 31.34
CA GLN C 65 10.37 -3.80 32.80
C GLN C 65 9.64 -2.65 33.42
N ASN C 66 9.43 -1.62 32.61
CA ASN C 66 8.78 -0.35 32.97
C ASN C 66 7.51 -0.02 32.15
N PRO C 67 6.44 -0.85 32.33
CA PRO C 67 5.24 -0.73 31.49
C PRO C 67 4.41 0.52 31.77
N LYS C 68 4.92 1.48 32.54
CA LYS C 68 4.27 2.81 32.49
C LYS C 68 4.47 3.44 31.07
N TYR C 69 5.40 2.88 30.28
CA TYR C 69 5.61 3.49 28.99
C TYR C 69 4.60 2.99 28.00
N LYS C 70 4.00 3.90 27.26
CA LYS C 70 3.00 3.52 26.28
C LYS C 70 3.51 3.88 24.86
N ALA C 71 4.52 4.74 24.74
CA ALA C 71 5.21 4.83 23.39
C ALA C 71 6.70 5.04 23.56
N VAL C 72 7.44 4.46 22.60
CA VAL C 72 8.90 4.53 22.42
C VAL C 72 9.22 5.42 21.20
N ILE C 73 10.18 6.34 21.32
CA ILE C 73 10.65 7.10 20.13
C ILE C 73 12.12 6.68 19.98
N LEU C 74 12.43 5.99 18.88
CA LEU C 74 13.80 5.55 18.60
C LEU C 74 14.44 6.61 17.65
N THR C 75 15.65 7.02 17.95
CA THR C 75 16.27 8.20 17.39
C THR C 75 17.75 7.98 17.33
N GLY C 76 18.46 8.70 16.44
CA GLY C 76 19.90 8.86 16.60
C GLY C 76 20.27 10.19 17.27
N TYR C 77 21.39 10.76 16.83
CA TYR C 77 21.87 12.07 17.31
C TYR C 77 22.32 12.81 16.02
N ASP C 78 22.20 14.14 16.03
CA ASP C 78 22.72 15.04 14.99
C ASP C 78 22.12 14.55 13.69
N ASN C 79 22.97 14.40 12.67
CA ASN C 79 22.52 13.95 11.35
C ASN C 79 22.57 12.42 11.16
N TYR C 80 22.72 11.63 12.22
CA TYR C 80 22.79 10.17 12.04
C TYR C 80 21.65 9.36 12.69
N PHE C 81 20.97 8.50 11.92
CA PHE C 81 20.03 7.60 12.60
C PHE C 81 20.80 6.38 12.89
N ALA C 82 21.23 5.65 11.86
CA ALA C 82 22.05 4.49 12.18
C ALA C 82 22.70 4.02 10.94
N SER C 83 23.89 3.47 11.10
CA SER C 83 24.69 3.16 9.90
C SER C 83 24.87 1.72 9.60
N GLY C 84 24.24 0.81 10.32
CA GLY C 84 24.24 -0.58 9.89
C GLY C 84 25.48 -1.37 10.27
N GLY C 85 25.54 -2.56 9.68
CA GLY C 85 26.42 -3.66 10.07
C GLY C 85 27.87 -3.31 10.18
N THR C 86 28.45 -3.77 11.29
CA THR C 86 29.79 -3.42 11.71
C THR C 86 30.83 -3.97 10.76
N GLN C 87 31.83 -3.11 10.49
CA GLN C 87 33.03 -3.48 9.73
C GLN C 87 33.42 -4.94 10.00
N GLU C 88 33.15 -5.41 11.22
CA GLU C 88 33.34 -6.80 11.67
C GLU C 88 32.61 -7.84 10.82
N GLY C 89 31.68 -8.58 11.41
CA GLY C 89 30.98 -9.63 10.66
C GLY C 89 30.06 -9.12 9.56
N ASP C 103 22.45 -10.97 14.24
CA ASP C 103 21.88 -9.65 14.17
C ASP C 103 20.85 -9.63 15.24
N ASN C 104 19.69 -10.22 14.96
CA ASN C 104 18.61 -10.30 15.94
C ASN C 104 18.17 -8.94 16.46
N LEU C 105 18.91 -7.89 16.08
CA LEU C 105 18.59 -6.54 16.51
C LEU C 105 17.17 -6.13 16.12
N TYR C 106 16.95 -6.00 14.81
CA TYR C 106 15.63 -5.61 14.29
C TYR C 106 14.40 -6.10 15.09
N SER C 107 14.47 -7.28 15.69
CA SER C 107 13.25 -7.71 16.38
C SER C 107 13.06 -6.92 17.69
N LEU C 108 14.00 -6.03 18.00
CA LEU C 108 13.86 -5.25 19.21
C LEU C 108 12.60 -4.41 19.16
N ALA C 109 12.39 -3.69 18.06
CA ALA C 109 11.24 -2.80 18.03
C ALA C 109 9.95 -3.58 17.71
N LEU C 110 10.14 -4.68 16.96
CA LEU C 110 9.05 -5.55 16.56
C LEU C 110 8.48 -6.33 17.75
N ASP C 111 9.34 -6.73 18.68
CA ASP C 111 8.94 -7.55 19.79
C ASP C 111 8.58 -6.69 21.00
N CYS C 112 8.94 -5.43 20.93
CA CYS C 112 8.47 -4.51 21.94
C CYS C 112 6.94 -4.52 21.98
N GLU C 113 6.34 -4.57 23.16
CA GLU C 113 4.89 -4.72 23.31
C GLU C 113 4.13 -3.47 22.87
N ILE C 114 4.76 -2.32 23.10
CA ILE C 114 4.15 -1.05 22.78
C ILE C 114 4.62 -0.49 21.42
N PRO C 115 3.83 0.43 20.82
CA PRO C 115 4.29 1.09 19.61
C PRO C 115 5.62 1.80 19.75
N VAL C 116 6.46 1.55 18.74
CA VAL C 116 7.72 2.23 18.60
C VAL C 116 7.67 3.18 17.38
N ILE C 117 8.13 4.42 17.55
CA ILE C 117 8.20 5.36 16.46
C ILE C 117 9.68 5.49 16.07
N ALA C 118 10.03 5.14 14.83
CA ALA C 118 11.39 5.39 14.31
C ALA C 118 11.41 6.81 13.73
N ALA C 119 11.91 7.74 14.55
CA ALA C 119 12.02 9.14 14.13
C ALA C 119 13.44 9.24 13.49
N MET C 120 13.53 8.94 12.19
CA MET C 120 14.83 8.84 11.54
C MET C 120 15.25 10.24 11.10
N GLN C 121 15.75 10.99 12.06
CA GLN C 121 16.15 12.36 11.84
C GLN C 121 17.55 12.44 11.18
N GLY C 122 18.25 11.31 11.07
CA GLY C 122 19.57 11.30 10.44
C GLY C 122 19.61 10.17 9.44
N HIS C 123 20.75 10.05 8.73
CA HIS C 123 20.96 8.98 7.76
C HIS C 123 20.63 7.57 8.25
N GLY C 124 20.05 6.77 7.33
CA GLY C 124 19.71 5.38 7.63
C GLY C 124 20.43 4.52 6.63
N ILE C 125 21.55 3.90 7.00
CA ILE C 125 22.33 3.24 5.97
C ILE C 125 22.31 1.75 6.16
N GLY C 126 21.89 1.00 5.11
CA GLY C 126 21.92 -0.46 5.15
C GLY C 126 21.06 -0.97 6.30
N GLY C 127 21.64 -1.70 7.25
CA GLY C 127 20.90 -2.14 8.45
C GLY C 127 20.27 -1.06 9.26
N GLY C 128 20.90 0.13 9.27
CA GLY C 128 20.30 1.30 9.96
C GLY C 128 19.01 1.75 9.28
N PHE C 129 18.90 1.66 7.94
CA PHE C 129 17.57 1.86 7.29
C PHE C 129 16.54 0.76 7.67
N VAL C 130 16.97 -0.50 7.61
CA VAL C 130 16.12 -1.61 7.89
C VAL C 130 15.61 -1.65 9.37
N MET C 131 16.48 -1.39 10.31
CA MET C 131 16.07 -1.33 11.70
C MET C 131 14.90 -0.37 11.85
N GLY C 132 14.99 0.86 11.33
CA GLY C 132 13.86 1.85 11.38
C GLY C 132 12.56 1.25 10.81
N LEU C 133 12.67 0.44 9.72
CA LEU C 133 11.45 -0.12 9.14
C LEU C 133 10.75 -1.16 10.03
N PHE C 134 11.40 -1.62 11.10
CA PHE C 134 10.78 -2.55 12.02
C PHE C 134 9.96 -1.84 13.10
N ALA C 135 10.04 -0.51 13.13
CA ALA C 135 9.22 0.23 14.07
C ALA C 135 7.80 0.26 13.55
N ASP C 136 6.86 0.57 14.42
CA ASP C 136 5.44 0.63 14.06
C ASP C 136 5.13 1.87 13.22
N ILE C 137 5.81 2.98 13.51
CA ILE C 137 5.62 4.19 12.74
C ILE C 137 6.99 4.67 12.37
N VAL C 138 7.10 5.14 11.15
CA VAL C 138 8.41 5.46 10.60
C VAL C 138 8.29 6.94 10.16
N ILE C 139 9.23 7.79 10.56
CA ILE C 139 9.22 9.21 10.16
C ILE C 139 10.59 9.42 9.51
N LEU C 140 10.61 9.89 8.26
CA LEU C 140 11.86 10.25 7.60
C LEU C 140 12.14 11.76 7.71
N SER C 141 13.42 12.05 7.54
CA SER C 141 13.94 13.41 7.44
C SER C 141 14.32 13.70 5.99
N ARG C 142 13.75 14.78 5.47
CA ARG C 142 13.93 15.19 4.03
C ARG C 142 15.36 15.16 3.55
N GLU C 143 16.23 15.68 4.44
CA GLU C 143 17.65 15.98 4.10
C GLU C 143 18.54 14.79 4.34
N SER C 144 18.02 13.71 4.94
CA SER C 144 18.88 12.57 5.31
C SER C 144 18.91 11.55 4.20
N VAL C 145 19.95 10.70 4.21
CA VAL C 145 20.17 9.68 3.18
C VAL C 145 19.73 8.26 3.73
N TYR C 146 18.96 7.52 2.92
CA TYR C 146 18.49 6.17 3.24
C TYR C 146 18.88 5.21 2.14
N THR C 147 19.45 4.09 2.54
CA THR C 147 19.70 3.06 1.56
C THR C 147 19.57 1.69 2.13
N ALA C 148 19.11 0.74 1.33
CA ALA C 148 19.25 -0.69 1.72
C ALA C 148 20.53 -1.37 1.08
N ASN C 149 21.51 -0.53 0.74
CA ASN C 149 22.81 -0.79 0.05
C ASN C 149 23.70 -1.97 0.26
N PHE C 150 23.29 -2.95 1.08
CA PHE C 150 24.05 -4.20 1.15
C PHE C 150 24.54 -4.65 -0.26
N GLY C 154 28.52 -5.95 -2.96
CA GLY C 154 28.46 -7.29 -3.56
C GLY C 154 27.49 -8.26 -2.89
N PHE C 155 27.07 -7.95 -1.65
CA PHE C 155 26.13 -8.77 -0.87
C PHE C 155 24.66 -8.46 -1.22
N THR C 156 23.82 -9.48 -1.36
CA THR C 156 22.35 -9.27 -1.47
C THR C 156 21.83 -8.81 -0.07
N PRO C 157 20.83 -7.95 -0.03
CA PRO C 157 20.44 -7.34 1.23
C PRO C 157 20.16 -8.44 2.21
N GLY C 158 19.98 -9.62 1.69
CA GLY C 158 19.69 -10.73 2.55
C GLY C 158 18.72 -10.19 3.55
N MET C 159 18.68 -10.83 4.70
CA MET C 159 17.68 -10.49 5.66
C MET C 159 16.43 -10.75 4.91
N GLY C 160 15.37 -10.13 5.34
CA GLY C 160 15.51 -9.17 6.42
C GLY C 160 15.03 -7.88 5.87
N ALA C 161 15.92 -7.19 5.21
CA ALA C 161 15.58 -6.11 4.33
C ALA C 161 14.64 -6.60 3.18
N THR C 162 14.91 -7.76 2.57
CA THR C 162 14.05 -8.17 1.46
C THR C 162 12.72 -8.63 2.05
N PHE C 163 12.74 -8.92 3.34
CA PHE C 163 11.50 -9.22 4.07
C PHE C 163 10.69 -7.96 4.36
N ILE C 164 11.27 -7.03 5.06
CA ILE C 164 10.56 -5.89 5.62
C ILE C 164 10.30 -4.70 4.63
N VAL C 165 11.21 -4.50 3.66
CA VAL C 165 11.05 -3.43 2.68
C VAL C 165 9.77 -3.51 1.84
N PRO C 166 9.51 -4.65 1.18
CA PRO C 166 8.24 -4.67 0.45
C PRO C 166 7.00 -4.52 1.35
N LYS C 167 7.11 -5.01 2.58
CA LYS C 167 5.94 -5.00 3.46
C LYS C 167 5.66 -3.55 3.93
N LYS C 168 6.70 -2.76 4.17
CA LYS C 168 6.50 -1.37 4.63
C LYS C 168 6.39 -0.31 3.55
N LEU C 169 7.03 -0.56 2.38
CA LEU C 169 7.13 0.39 1.28
C LEU C 169 6.30 -0.08 0.10
N GLY C 170 5.86 -1.32 0.14
CA GLY C 170 5.02 -1.79 -0.89
C GLY C 170 5.96 -2.49 -1.89
N PHE C 171 5.44 -3.52 -2.48
CA PHE C 171 6.23 -4.40 -3.36
C PHE C 171 7.00 -3.64 -4.46
N SER C 172 6.31 -2.81 -5.25
CA SER C 172 6.90 -2.31 -6.51
C SER C 172 8.07 -1.42 -6.20
N LEU C 173 7.85 -0.41 -5.35
CA LEU C 173 8.96 0.43 -4.89
C LEU C 173 10.07 -0.37 -4.21
N ALA C 174 9.71 -1.41 -3.47
CA ALA C 174 10.79 -2.31 -2.91
C ALA C 174 11.69 -2.92 -3.96
N GLN C 175 11.12 -3.46 -5.01
CA GLN C 175 11.96 -4.04 -6.08
CA GLN C 175 11.92 -4.03 -6.13
C GLN C 175 13.07 -3.08 -6.53
N GLU C 176 12.73 -1.82 -6.73
CA GLU C 176 13.73 -0.84 -7.10
C GLU C 176 14.78 -0.61 -5.98
N ILE C 177 14.30 -0.29 -4.81
CA ILE C 177 15.18 -0.05 -3.64
C ILE C 177 16.13 -1.21 -3.41
N LEU C 178 15.63 -2.44 -3.62
CA LEU C 178 16.45 -3.61 -3.32
C LEU C 178 17.36 -4.04 -4.48
N LEU C 179 16.82 -4.11 -5.70
CA LEU C 179 17.61 -4.54 -6.84
C LEU C 179 18.76 -3.57 -7.07
N ASN C 180 18.48 -2.27 -7.00
CA ASN C 180 19.50 -1.29 -7.28
C ASN C 180 20.32 -0.95 -6.08
N ALA C 181 19.77 -1.16 -4.88
CA ALA C 181 20.48 -0.90 -3.65
C ALA C 181 20.88 0.57 -3.65
N GLY C 182 20.00 1.46 -4.12
CA GLY C 182 20.38 2.87 -4.34
C GLY C 182 20.31 3.66 -3.05
N SER C 183 20.88 4.86 -3.04
CA SER C 183 20.71 5.80 -1.91
C SER C 183 19.69 6.81 -2.32
N TYR C 184 18.84 7.23 -1.38
CA TYR C 184 17.75 8.19 -1.59
C TYR C 184 17.81 9.17 -0.49
N ARG C 185 17.58 10.44 -0.82
CA ARG C 185 17.27 11.43 0.21
C ARG C 185 15.84 11.21 0.67
N GLY C 186 15.54 11.51 1.93
CA GLY C 186 14.15 11.54 2.37
C GLY C 186 13.22 12.23 1.41
N ALA C 187 13.65 13.37 0.89
CA ALA C 187 12.80 14.17 -0.05
C ALA C 187 12.55 13.38 -1.36
N ASP C 188 13.50 12.58 -1.83
CA ASP C 188 13.27 11.75 -2.98
C ASP C 188 12.12 10.74 -2.69
N LEU C 189 12.23 10.03 -1.58
CA LEU C 189 11.20 9.06 -1.21
C LEU C 189 9.81 9.71 -1.10
N GLU C 190 9.78 10.88 -0.49
CA GLU C 190 8.56 11.63 -0.38
C GLU C 190 7.96 11.91 -1.77
N LYS C 191 8.79 12.33 -2.75
CA LYS C 191 8.25 12.55 -4.11
C LYS C 191 7.86 11.26 -4.78
N ARG C 192 8.53 10.15 -4.49
CA ARG C 192 8.16 8.87 -5.14
C ARG C 192 6.90 8.27 -4.59
N GLY C 193 6.56 8.57 -3.35
CA GLY C 193 5.23 8.28 -2.81
C GLY C 193 5.19 7.30 -1.62
N VAL C 194 5.96 7.54 -0.58
CA VAL C 194 5.95 6.67 0.65
C VAL C 194 4.83 6.93 1.66
N PRO C 195 4.42 5.89 2.42
CA PRO C 195 3.40 6.13 3.46
C PRO C 195 3.88 6.89 4.74
N PHE C 196 5.19 7.13 4.83
CA PHE C 196 5.80 7.83 5.97
C PHE C 196 5.65 9.34 5.87
N LYS C 197 5.39 9.92 7.02
CA LYS C 197 5.54 11.35 7.19
C LYS C 197 7.04 11.67 6.89
N VAL C 198 7.27 12.63 6.02
CA VAL C 198 8.64 13.02 5.64
C VAL C 198 8.76 14.51 5.96
N LEU C 199 9.68 14.87 6.84
CA LEU C 199 9.72 16.24 7.35
C LEU C 199 11.15 16.79 7.24
N PRO C 200 11.26 18.14 7.29
CA PRO C 200 12.61 18.71 7.52
C PRO C 200 13.21 18.11 8.77
N ARG C 201 14.47 17.73 8.72
CA ARG C 201 15.13 17.17 9.89
C ARG C 201 14.78 17.98 11.14
N ALA C 202 14.78 19.32 11.03
CA ALA C 202 14.54 20.16 12.25
C ALA C 202 13.24 19.85 13.00
N GLU C 203 12.22 19.34 12.32
CA GLU C 203 10.87 19.11 12.90
C GLU C 203 10.61 17.61 13.26
N VAL C 204 11.55 16.74 12.96
CA VAL C 204 11.23 15.36 13.06
C VAL C 204 10.92 14.93 14.50
N LEU C 205 11.82 15.25 15.42
CA LEU C 205 11.64 14.83 16.81
C LEU C 205 10.40 15.52 17.41
N ASP C 206 10.16 16.79 17.12
CA ASP C 206 8.93 17.39 17.58
C ASP C 206 7.68 16.68 17.08
N TYR C 207 7.61 16.32 15.80
CA TYR C 207 6.43 15.64 15.35
C TYR C 207 6.27 14.29 16.07
N ALA C 208 7.39 13.60 16.27
CA ALA C 208 7.42 12.26 16.95
C ALA C 208 6.83 12.35 18.37
N VAL C 209 7.20 13.41 19.10
CA VAL C 209 6.74 13.61 20.46
C VAL C 209 5.26 13.85 20.40
N GLU C 210 4.76 14.71 19.48
CA GLU C 210 3.35 15.02 19.41
C GLU C 210 2.57 13.75 19.13
N LEU C 211 3.05 12.97 18.18
CA LEU C 211 2.39 11.70 17.89
C LEU C 211 2.44 10.74 19.12
N ALA C 212 3.60 10.67 19.79
CA ALA C 212 3.75 9.80 20.94
C ALA C 212 2.76 10.21 22.03
N GLN C 213 2.55 11.53 22.22
CA GLN C 213 1.52 12.01 23.23
C GLN C 213 0.10 11.59 22.88
N GLU C 214 -0.20 11.62 21.58
CA GLU C 214 -1.50 11.18 21.11
C GLU C 214 -1.61 9.68 21.30
N LEU C 215 -0.53 8.93 21.06
CA LEU C 215 -0.61 7.48 21.28
C LEU C 215 -0.81 7.16 22.77
N ALA C 216 -0.14 7.94 23.63
CA ALA C 216 -0.17 7.74 25.09
C ALA C 216 -1.50 8.10 25.74
N GLU C 217 -2.41 8.68 24.99
CA GLU C 217 -3.73 8.85 25.50
C GLU C 217 -4.55 7.58 25.53
N LYS C 218 -4.13 6.50 24.80
CA LYS C 218 -4.85 5.21 24.79
C LYS C 218 -4.42 4.40 26.01
N PRO C 219 -5.30 3.49 26.52
CA PRO C 219 -4.86 2.53 27.51
C PRO C 219 -3.79 1.62 26.93
N ARG C 220 -2.86 1.22 27.78
CA ARG C 220 -1.79 0.37 27.37
C ARG C 220 -2.29 -0.94 26.75
N ASN C 221 -3.24 -1.58 27.44
CA ASN C 221 -3.78 -2.90 27.06
C ASN C 221 -4.28 -2.81 25.61
N SER C 222 -4.96 -1.72 25.32
CA SER C 222 -5.48 -1.53 23.97
C SER C 222 -4.42 -1.45 22.91
N LEU C 223 -3.41 -0.67 23.24
CA LEU C 223 -2.29 -0.49 22.34
C LEU C 223 -1.54 -1.81 21.99
N VAL C 224 -1.16 -2.57 23.02
CA VAL C 224 -0.44 -3.87 22.98
C VAL C 224 -1.32 -4.92 22.31
N THR C 225 -2.60 -4.97 22.69
CA THR C 225 -3.55 -5.95 22.02
C THR C 225 -3.57 -5.66 20.52
N LEU C 226 -3.68 -4.39 20.14
CA LEU C 226 -3.77 -4.09 18.68
C LEU C 226 -2.45 -4.38 17.90
N LYS C 227 -1.34 -4.01 18.52
CA LYS C 227 -0.04 -4.16 17.94
C LYS C 227 0.18 -5.66 17.80
N ASP C 228 -0.17 -6.45 18.83
CA ASP C 228 0.04 -7.92 18.79
C ASP C 228 -0.65 -8.43 17.54
N HIS C 229 -1.88 -7.92 17.32
CA HIS C 229 -2.69 -8.36 16.14
C HIS C 229 -2.06 -7.94 14.78
N LEU C 230 -1.73 -6.67 14.64
CA LEU C 230 -1.12 -6.11 13.42
C LEU C 230 0.24 -6.70 13.03
N VAL C 231 1.10 -7.06 13.98
CA VAL C 231 2.46 -7.48 13.64
C VAL C 231 2.68 -9.01 13.92
N ALA C 232 1.69 -9.69 14.51
CA ALA C 232 1.68 -11.19 14.60
C ALA C 232 2.24 -11.91 13.35
N PRO C 233 1.76 -11.61 12.13
CA PRO C 233 2.37 -12.39 11.06
C PRO C 233 3.88 -12.13 10.92
N LEU C 234 4.30 -10.87 10.91
CA LEU C 234 5.71 -10.51 10.95
C LEU C 234 6.53 -11.22 12.01
N ARG C 235 6.00 -11.34 13.25
CA ARG C 235 6.72 -12.00 14.33
C ARG C 235 6.84 -13.48 13.97
N ASP C 236 5.79 -14.00 13.34
CA ASP C 236 5.75 -15.39 12.96
C ASP C 236 6.80 -15.69 11.86
N GLN C 237 6.75 -14.92 10.75
CA GLN C 237 7.51 -15.16 9.51
C GLN C 237 8.99 -14.82 9.58
N LEU C 238 9.33 -13.85 10.42
CA LEU C 238 10.72 -13.41 10.57
C LEU C 238 11.67 -14.55 11.00
N PRO C 239 11.38 -15.27 12.11
CA PRO C 239 12.36 -16.30 12.48
C PRO C 239 12.66 -17.35 11.42
N ARG C 240 11.63 -17.90 10.78
CA ARG C 240 11.82 -18.86 9.69
C ARG C 240 12.84 -18.26 8.75
N VAL C 241 12.42 -17.17 8.11
CA VAL C 241 13.25 -16.59 7.07
C VAL C 241 14.28 -15.65 7.69
N ILE C 242 15.01 -16.18 8.66
CA ILE C 242 16.24 -15.57 9.12
C ILE C 242 17.27 -16.71 9.23
N GLU C 243 16.96 -17.82 8.59
CA GLU C 243 17.90 -18.91 8.35
C GLU C 243 18.10 -19.02 6.85
N GLN C 244 17.15 -18.48 6.10
CA GLN C 244 17.09 -18.63 4.65
C GLN C 244 17.70 -17.43 3.89
C1 GOL D . 18.70 7.35 -13.02
O1 GOL D . 19.17 8.69 -13.23
C2 GOL D . 18.48 7.31 -11.54
O2 GOL D . 19.74 7.23 -10.92
C3 GOL D . 17.74 6.10 -11.07
O3 GOL D . 18.03 6.05 -9.66
C1 GOL E . 10.27 12.20 -11.12
O1 GOL E . 9.95 13.31 -11.97
C2 GOL E . 9.03 11.88 -10.28
O2 GOL E . 9.35 11.38 -8.93
C3 GOL E . 8.19 10.94 -11.16
O3 GOL E . 7.31 10.13 -10.37
C1 GOL F . -6.35 -9.74 -24.90
O1 GOL F . -7.69 -9.22 -24.76
C2 GOL F . -5.38 -8.67 -25.38
O2 GOL F . -4.03 -8.99 -24.99
C3 GOL F . -5.79 -7.30 -24.83
O3 GOL F . -4.97 -6.25 -25.33
C1 GOL G . 0.17 12.92 -27.83
O1 GOL G . 1.03 13.19 -26.71
C2 GOL G . 0.26 11.42 -28.03
O2 GOL G . 1.49 11.12 -27.40
C3 GOL G . 0.24 11.07 -29.53
O3 GOL G . 0.18 9.66 -29.79
C1 GOL H . -16.66 16.18 12.09
O1 GOL H . -16.19 17.51 12.35
C2 GOL H . -17.08 15.46 13.38
O2 GOL H . -16.00 14.63 13.85
C3 GOL H . -18.30 14.59 13.08
O3 GOL H . -19.32 14.62 14.09
C1 GOL I . 2.76 6.20 9.20
O1 GOL I . 3.12 6.37 10.54
C2 GOL I . 3.91 5.60 8.41
O2 GOL I . 3.30 4.89 7.28
C3 GOL I . 4.90 4.72 9.17
O3 GOL I . 4.36 3.39 9.41
#